data_9MD1
#
_entry.id   9MD1
#
loop_
_entity.id
_entity.type
_entity.pdbx_description
1 polymer 'Guanine nucleotide-binding protein G(z) subunit alpha'
2 polymer 'Guanine nucleotide-binding protein G(I)/G(S)/G(T) subunit beta-1'
3 polymer 'Soluble cytochrome b562,5-hydroxytryptamine receptor 1A'
4 polymer 'Guanine nucleotide-binding protein G(I)/G(S)/G(O) subunit gamma-2'
5 non-polymer Buspirone
6 non-polymer CHOLESTEROL
7 non-polymer '[(2R)-1-[oxidanyl-[(2R,3R,5S,6R)-2,3,5,6-tetrakis(oxidanyl)-4-phosphonooxy-cyclohexyl]oxy-phosphoryl]oxy-3-tetradecanoyloxy-propan-2-yl] (5E,8E)-hexadeca-5,8,11,14-tetraenoate'
#
loop_
_entity_poly.entity_id
_entity_poly.type
_entity_poly.pdbx_seq_one_letter_code
_entity_poly.pdbx_strand_id
1 'polypeptide(L)'
;MGCRQSSEEKEAARRSRRIDRHLRSESQRQRREIKLLLLGTSNSGKSTIVKQMKIIHSGGFNLEACKEYKPLIIYNAIDS
LTRIIRALAALRIDFHNPDRAYDAVQLFALTGPAESKGEITPELLGVMRRLWADPGAQACFSRSSEYHLEDNAAYYLNDL
ERIAAADYIPTVEDILRSRDMTTGIVENKFTFKELTFKMVDVGGQRSERKKWIHCFEGVTAIIFCVELSGYDLKLYEDNQ
TSRMAESLRLFDSICNNNWFINTSLILFLNKKDLLAEKIRRIPLTICFPEYKGQNTYEEAAVYIQRQFEDLNRNKETKEI
YSHFTCATDTSNIQFVFDAVTDVIIQNNLKYIGLC
;
A
2 'polypeptide(L)'
;MHHHHHHLEVLFQGPGSSGSELDQLRQEAEQLKNQIRDARKACADATLSQITNNIDPVGRIQMRTRRTLRGHLAKIYAMH
WGTDSRLLVSASQDGKLIIWDSYTTNKVHAIPLRSSWVMTCAYAPSGNYVACGGLDNICSIYNLKTREGNVRVSRELAGH
TGYLSCCRFLDDNQIVTSSGDTTCALWDIETGQQTTTFTGHTGDVMSLSLAPDTRLFVSGACDASAKLWDVREGMCRQTF
TGHESDINAICFFPNGNAFATGSDDATCRLFDLRADQELMTYSHDNIICGITSVSFSKSGRLLLAGYDDFNCNVWDALKA
DRAGVLAGHDNRVSCLGVTDDGMAVATGSWDSFLKIWN
;
B
3 'polypeptide(L)'
;MKTIIALSYIFCLVFADYKDDDDAKLQTMHHHHHHHHHHENLYFQGGTTADLEDNWETLNDNLKVIEKADNAAQVKDALT
KMRAAALDAQKATPPKLEDKSPDSPEMKDFRHGFDILVGQIDDALKLANEGKVKEAQAAAEQLKTTRNAYIQKYLTGISD
VTVSYQVITSLLLGTLIFCAVLGNACVVAAIALERSLQNVANYLIGSLAVTDLMVSVLVLPMAALYQVLNKWTLGQVTCD
LFIALDVLCCTSSIWHLCAIALDRYWAITDPIDYVNKRTPRRAAALISLTWLIGFLISIPPMLGWRTPEDRSDPDACTIS
KDHGYTIYSTFGAFYIPLLLMLVLYGRIFRAARFRIRKTVKKVEKTGADTRHGASPAPQPKKSVNGESGSRNWRLGVESK
AGGALCANGAVRQGDDGAALEVIEVHRVGNSKEHLPLPSEAGPTPCAPASFERKNERNAEAKRKMALARERKTVKTLGII
MGTFILCWLPFFIVALVLPFCESSCHMPTLLGAIINWLGYSNSLLNPVIYAYFNKDFQNAFKKIIKCKFCRQ
;
C,R
4 'polypeptide(L)' MASNNTASIAQARKLVEQLKMEANIDRIKVSKAAADLMAYCEAHAKEDPLLTPVPASENPFREKKFFCAILGSAGSAGSA G
#
# COMPACT_ATOMS: atom_id res chain seq x y z
N SER A 6 28.61 20.25 6.76
CA SER A 6 27.43 19.39 6.42
C SER A 6 27.74 17.92 6.74
N SER A 7 28.96 17.62 7.20
CA SER A 7 29.30 16.22 7.61
C SER A 7 28.37 15.77 8.74
N GLU A 8 28.18 16.63 9.75
CA GLU A 8 27.29 16.31 10.89
C GLU A 8 25.87 16.12 10.38
N GLU A 9 25.44 16.97 9.43
CA GLU A 9 24.08 16.86 8.87
C GLU A 9 23.92 15.48 8.21
N LYS A 10 24.92 15.05 7.44
CA LYS A 10 24.87 13.73 6.76
C LYS A 10 24.83 12.61 7.80
N GLU A 11 25.61 12.73 8.88
CA GLU A 11 25.58 11.71 9.96
C GLU A 11 24.16 11.62 10.54
N ALA A 12 23.54 12.77 10.81
CA ALA A 12 22.17 12.79 11.38
C ALA A 12 21.17 12.18 10.38
N ALA A 13 21.36 12.44 9.09
CA ALA A 13 20.46 11.87 8.06
C ALA A 13 20.61 10.34 8.05
N ARG A 14 21.83 9.85 8.20
CA ARG A 14 22.07 8.39 8.28
C ARG A 14 21.35 7.84 9.51
N ARG A 15 21.46 8.54 10.64
CA ARG A 15 20.74 8.11 11.88
C ARG A 15 19.24 8.02 11.60
N SER A 16 18.67 9.02 10.90
CA SER A 16 17.23 8.98 10.55
C SER A 16 16.90 7.78 9.66
N ARG A 17 17.71 7.52 8.63
CA ARG A 17 17.45 6.40 7.68
C ARG A 17 17.30 5.06 8.42
N ARG A 18 18.24 4.70 9.29
CA ARG A 18 18.22 3.40 10.01
C ARG A 18 16.94 3.30 10.86
N ILE A 19 16.58 4.41 11.52
CA ILE A 19 15.37 4.37 12.40
C ILE A 19 14.14 4.09 11.53
N ASP A 20 14.04 4.77 10.38
CA ASP A 20 12.91 4.57 9.45
C ASP A 20 12.84 3.10 9.01
N ARG A 21 13.97 2.48 8.67
CA ARG A 21 13.99 1.04 8.27
C ARG A 21 13.46 0.15 9.42
N HIS A 22 13.97 0.37 10.63
CA HIS A 22 13.44 -0.43 11.78
C HIS A 22 11.92 -0.24 11.91
N LEU A 23 11.44 1.00 11.79
CA LEU A 23 9.98 1.27 11.96
C LEU A 23 9.20 0.56 10.85
N ARG A 24 9.72 0.54 9.63
CA ARG A 24 9.07 -0.18 8.49
C ARG A 24 8.97 -1.67 8.82
N SER A 25 10.06 -2.29 9.30
CA SER A 25 9.93 -3.72 9.70
C SER A 25 8.83 -3.87 10.75
N GLU A 26 8.84 -2.99 11.76
CA GLU A 26 7.84 -3.13 12.86
C GLU A 26 6.41 -2.99 12.31
N SER A 27 6.18 -2.10 11.35
CA SER A 27 4.83 -1.90 10.76
C SER A 27 4.44 -3.15 9.98
N GLN A 28 5.37 -3.69 9.18
CA GLN A 28 5.09 -4.96 8.47
C GLN A 28 4.63 -6.00 9.50
N ARG A 29 5.27 -6.07 10.67
CA ARG A 29 4.86 -7.15 11.63
C ARG A 29 3.54 -6.84 12.34
N GLN A 30 3.09 -5.58 12.42
CA GLN A 30 1.89 -5.18 13.21
C GLN A 30 0.61 -5.32 12.37
N ARG A 31 0.72 -5.20 11.05
CA ARG A 31 -0.49 -5.23 10.18
C ARG A 31 -1.14 -6.62 10.21
N ARG A 32 -0.34 -7.67 10.39
CA ARG A 32 -0.85 -9.06 10.36
C ARG A 32 -1.14 -9.53 11.79
N GLU A 33 -1.64 -8.65 12.66
CA GLU A 33 -2.00 -9.06 14.03
C GLU A 33 -3.48 -8.76 14.29
N ILE A 34 -4.21 -9.75 14.82
CA ILE A 34 -5.66 -9.57 15.12
C ILE A 34 -5.81 -9.26 16.62
N LYS A 35 -6.28 -8.06 16.96
CA LYS A 35 -6.41 -7.65 18.36
C LYS A 35 -7.82 -7.91 18.86
N LEU A 36 -7.91 -8.63 19.98
CA LEU A 36 -9.23 -8.94 20.60
C LEU A 36 -9.16 -8.54 22.08
N LEU A 37 -10.30 -8.33 22.72
CA LEU A 37 -10.33 -7.90 24.15
C LEU A 37 -11.27 -8.80 24.95
N LEU A 38 -10.80 -9.38 26.06
CA LEU A 38 -11.73 -10.14 26.93
C LEU A 38 -12.38 -9.14 27.88
N LEU A 39 -13.66 -8.79 27.68
CA LEU A 39 -14.35 -7.70 28.44
C LEU A 39 -15.49 -8.26 29.29
N GLY A 40 -15.33 -9.41 29.96
CA GLY A 40 -16.39 -10.04 30.72
C GLY A 40 -16.36 -9.62 32.18
N GLY A 184 -2.95 -4.87 37.02
CA GLY A 184 -2.70 -4.17 35.77
C GLY A 184 -3.32 -4.92 34.61
N ILE A 185 -3.12 -4.34 33.42
CA ILE A 185 -3.64 -4.95 32.16
C ILE A 185 -2.83 -6.20 31.83
N VAL A 186 -3.47 -7.18 31.21
CA VAL A 186 -2.83 -8.45 30.88
C VAL A 186 -2.81 -8.59 29.37
N GLU A 187 -1.75 -9.19 28.85
CA GLU A 187 -1.61 -9.39 27.42
C GLU A 187 -1.21 -10.82 27.12
N ASN A 188 -1.78 -11.39 26.07
CA ASN A 188 -1.40 -12.71 25.58
C ASN A 188 -1.39 -12.74 24.06
N LYS A 189 -0.56 -13.60 23.49
CA LYS A 189 -0.39 -13.72 22.05
C LYS A 189 -0.19 -15.18 21.66
N PHE A 190 -0.83 -15.62 20.58
CA PHE A 190 -0.59 -16.97 20.11
C PHE A 190 -1.00 -17.08 18.65
N THR A 191 -0.44 -18.04 17.93
CA THR A 191 -0.77 -18.27 16.53
C THR A 191 -1.61 -19.53 16.39
N PHE A 192 -2.67 -19.45 15.59
CA PHE A 192 -3.54 -20.60 15.31
C PHE A 192 -3.89 -20.58 13.83
N LYS A 193 -3.45 -21.62 13.12
CA LYS A 193 -3.74 -21.78 11.69
C LYS A 193 -3.31 -20.55 10.89
N GLU A 194 -2.03 -20.20 11.02
CA GLU A 194 -1.44 -19.10 10.27
C GLU A 194 -2.17 -17.78 10.51
N LEU A 195 -2.59 -17.53 11.75
CA LEU A 195 -3.28 -16.29 12.10
C LEU A 195 -2.92 -15.95 13.54
N THR A 196 -2.17 -14.87 13.73
CA THR A 196 -1.71 -14.48 15.05
C THR A 196 -2.80 -13.69 15.78
N PHE A 197 -3.00 -14.03 17.05
CA PHE A 197 -4.03 -13.43 17.89
C PHE A 197 -3.38 -12.72 19.06
N LYS A 198 -3.76 -11.45 19.30
CA LYS A 198 -3.17 -10.58 20.36
C LYS A 198 -4.30 -10.12 21.30
N MET A 199 -4.61 -10.87 22.35
CA MET A 199 -5.69 -10.56 23.27
C MET A 199 -5.16 -9.74 24.45
N VAL A 200 -5.97 -8.78 24.89
CA VAL A 200 -5.70 -8.00 26.08
C VAL A 200 -6.85 -8.19 27.06
N ASP A 201 -6.52 -8.41 28.32
CA ASP A 201 -7.49 -8.58 29.39
C ASP A 201 -7.47 -7.35 30.28
N VAL A 202 -8.65 -6.75 30.44
CA VAL A 202 -8.78 -5.52 31.26
C VAL A 202 -9.72 -5.81 32.43
N ILE A 213 -11.51 2.81 27.19
CA ILE A 213 -12.75 2.98 26.36
C ILE A 213 -12.38 3.69 25.07
N HIS A 214 -11.30 4.49 25.08
CA HIS A 214 -10.82 5.16 23.85
C HIS A 214 -9.38 4.74 23.56
N CYS A 215 -8.69 4.18 24.56
CA CYS A 215 -7.33 3.61 24.29
C CYS A 215 -7.54 2.38 23.40
N PHE A 216 -8.68 1.69 23.57
CA PHE A 216 -9.02 0.53 22.71
C PHE A 216 -10.06 1.01 21.68
N GLU A 217 -9.64 1.17 20.42
CA GLU A 217 -10.56 1.71 19.39
C GLU A 217 -10.43 0.90 18.11
N GLY A 218 -9.20 0.60 17.67
CA GLY A 218 -9.00 -0.12 16.41
C GLY A 218 -8.92 -1.62 16.62
N VAL A 219 -9.86 -2.21 17.37
CA VAL A 219 -9.85 -3.67 17.68
C VAL A 219 -10.71 -4.38 16.63
N THR A 220 -10.57 -5.70 16.48
CA THR A 220 -11.32 -6.48 15.51
C THR A 220 -12.62 -7.01 16.10
N ALA A 221 -12.56 -7.54 17.34
CA ALA A 221 -13.76 -8.10 18.03
C ALA A 221 -13.65 -7.90 19.55
N ILE A 222 -14.73 -8.13 20.31
CA ILE A 222 -14.75 -8.02 21.81
C ILE A 222 -15.25 -9.35 22.37
N ILE A 223 -14.37 -10.29 22.71
CA ILE A 223 -14.78 -11.57 23.38
C ILE A 223 -15.39 -11.13 24.73
N PHE A 224 -16.58 -11.63 25.11
CA PHE A 224 -17.30 -11.20 26.34
C PHE A 224 -17.95 -12.44 26.98
N CYS A 225 -17.40 -12.96 28.08
CA CYS A 225 -17.91 -14.22 28.68
C CYS A 225 -19.08 -13.94 29.62
N VAL A 226 -20.08 -14.83 29.67
CA VAL A 226 -21.25 -14.67 30.59
C VAL A 226 -21.39 -15.94 31.42
N GLU A 227 -21.49 -15.80 32.75
CA GLU A 227 -21.68 -16.98 33.63
C GLU A 227 -23.18 -17.25 33.79
N LEU A 228 -23.69 -18.32 33.16
CA LEU A 228 -25.09 -18.68 33.29
C LEU A 228 -25.47 -18.88 34.76
N TRP A 259 -17.59 3.29 19.72
CA TRP A 259 -16.72 2.36 18.95
C TRP A 259 -17.30 0.94 18.99
N PHE A 260 -18.37 0.71 19.76
CA PHE A 260 -19.00 -0.64 19.90
C PHE A 260 -19.86 -0.94 18.66
N ILE A 261 -20.41 0.09 18.00
CA ILE A 261 -21.19 -0.12 16.74
C ILE A 261 -20.27 -0.66 15.65
N ASN A 262 -18.98 -0.30 15.67
CA ASN A 262 -18.04 -0.74 14.59
C ASN A 262 -17.16 -1.89 15.09
N THR A 263 -17.60 -2.68 16.09
CA THR A 263 -16.84 -3.85 16.60
C THR A 263 -17.82 -5.01 16.86
N SER A 264 -17.57 -6.21 16.34
CA SER A 264 -18.44 -7.41 16.54
C SER A 264 -18.19 -7.98 17.95
N LEU A 265 -19.13 -8.74 18.52
CA LEU A 265 -19.02 -9.29 19.91
C LEU A 265 -19.06 -10.83 19.84
N ILE A 266 -18.03 -11.55 20.30
CA ILE A 266 -18.02 -13.04 20.37
C ILE A 266 -18.55 -13.38 21.77
N LEU A 267 -19.85 -13.66 21.93
CA LEU A 267 -20.48 -13.87 23.23
C LEU A 267 -20.32 -15.33 23.63
N PHE A 268 -19.58 -15.57 24.71
CA PHE A 268 -19.41 -16.90 25.26
C PHE A 268 -20.33 -17.10 26.45
N LEU A 269 -20.93 -18.28 26.54
CA LEU A 269 -21.84 -18.62 27.61
C LEU A 269 -21.21 -19.72 28.46
N ASN A 270 -20.57 -19.32 29.55
CA ASN A 270 -19.93 -20.28 30.45
C ASN A 270 -20.98 -21.01 31.27
N LYS A 318 -23.87 -4.55 12.85
CA LYS A 318 -22.96 -5.38 13.68
C LYS A 318 -23.66 -6.69 14.05
N GLU A 319 -22.96 -7.82 13.92
CA GLU A 319 -23.56 -9.15 14.21
C GLU A 319 -22.91 -9.76 15.46
N ILE A 320 -23.71 -10.43 16.30
CA ILE A 320 -23.13 -11.12 17.50
C ILE A 320 -22.99 -12.61 17.18
N TYR A 321 -21.93 -13.26 17.70
CA TYR A 321 -21.71 -14.71 17.47
C TYR A 321 -21.73 -15.41 18.83
N SER A 322 -22.56 -16.45 19.00
CA SER A 322 -22.69 -17.09 20.32
C SER A 322 -22.31 -18.57 20.25
N HIS A 323 -21.58 -19.07 21.24
CA HIS A 323 -21.20 -20.50 21.29
C HIS A 323 -21.15 -20.96 22.74
N PHE A 324 -22.09 -21.82 23.16
CA PHE A 324 -22.05 -22.38 24.54
C PHE A 324 -20.64 -22.93 24.77
N THR A 325 -19.90 -22.38 25.75
CA THR A 325 -18.48 -22.78 25.96
C THR A 325 -18.35 -24.29 26.16
N CYS A 326 -17.24 -24.86 25.69
CA CYS A 326 -16.97 -26.32 25.87
C CYS A 326 -15.47 -26.50 26.11
N ALA A 327 -15.02 -26.33 27.36
CA ALA A 327 -13.57 -26.41 27.68
C ALA A 327 -13.03 -27.81 27.38
N THR A 328 -13.89 -28.83 27.35
CA THR A 328 -13.47 -30.22 27.05
C THR A 328 -12.59 -30.24 25.79
N ASP A 329 -13.08 -29.64 24.70
CA ASP A 329 -12.31 -29.63 23.42
C ASP A 329 -11.74 -28.23 23.17
N THR A 330 -10.99 -28.06 22.07
CA THR A 330 -10.44 -26.72 21.71
C THR A 330 -11.37 -26.07 20.67
N SER A 331 -12.67 -26.36 20.73
CA SER A 331 -13.65 -25.73 19.81
C SER A 331 -13.72 -24.23 20.10
N ASN A 332 -13.60 -23.83 21.37
CA ASN A 332 -13.60 -22.39 21.75
C ASN A 332 -12.70 -21.61 20.79
N ILE A 333 -11.45 -22.06 20.60
CA ILE A 333 -10.49 -21.34 19.71
C ILE A 333 -10.98 -21.39 18.26
N GLN A 334 -11.54 -22.53 17.83
CA GLN A 334 -12.02 -22.68 16.44
C GLN A 334 -13.15 -21.68 16.17
N PHE A 335 -14.06 -21.51 17.13
CA PHE A 335 -15.14 -20.51 16.98
C PHE A 335 -14.54 -19.11 16.75
N VAL A 336 -13.61 -18.69 17.61
CA VAL A 336 -13.00 -17.33 17.50
C VAL A 336 -12.37 -17.17 16.11
N PHE A 337 -11.80 -18.25 15.57
CA PHE A 337 -11.17 -18.21 14.22
C PHE A 337 -12.25 -18.07 13.16
N ASP A 338 -13.31 -18.88 13.23
CA ASP A 338 -14.40 -18.85 12.22
C ASP A 338 -15.13 -17.51 12.26
N ALA A 339 -15.27 -16.91 13.45
CA ALA A 339 -15.93 -15.59 13.57
C ALA A 339 -15.04 -14.51 12.96
N VAL A 340 -13.77 -14.42 13.36
CA VAL A 340 -12.86 -13.37 12.86
C VAL A 340 -12.72 -13.50 11.34
N THR A 341 -12.71 -14.73 10.83
CA THR A 341 -12.56 -14.96 9.36
C THR A 341 -13.79 -14.42 8.63
N ASP A 342 -14.97 -14.47 9.25
CA ASP A 342 -16.22 -13.98 8.61
C ASP A 342 -16.27 -12.45 8.70
N VAL A 343 -15.87 -11.86 9.82
CA VAL A 343 -15.80 -10.38 9.92
C VAL A 343 -14.92 -9.84 8.79
N ILE A 344 -13.77 -10.46 8.54
CA ILE A 344 -12.88 -10.05 7.40
C ILE A 344 -13.63 -10.16 6.07
N ILE A 345 -14.23 -11.30 5.76
CA ILE A 345 -14.92 -11.51 4.43
C ILE A 345 -16.04 -10.49 4.25
N GLN A 346 -16.84 -10.22 5.29
CA GLN A 346 -18.00 -9.30 5.16
C GLN A 346 -17.54 -7.86 4.97
N ASN A 347 -16.46 -7.46 5.62
CA ASN A 347 -15.92 -6.07 5.46
C ASN A 347 -15.40 -5.88 4.04
N ASN A 348 -15.01 -6.96 3.37
CA ASN A 348 -14.47 -6.87 1.99
C ASN A 348 -15.63 -6.94 0.99
N LEU A 349 -16.79 -7.46 1.41
CA LEU A 349 -17.98 -7.53 0.53
C LEU A 349 -18.73 -6.19 0.58
N LYS A 350 -18.28 -5.25 1.40
CA LYS A 350 -18.93 -3.93 1.50
C LYS A 350 -18.08 -2.88 0.77
N TYR A 351 -16.76 -3.02 0.82
CA TYR A 351 -15.86 -2.10 0.07
C TYR A 351 -16.17 -2.23 -1.43
N ILE A 352 -16.24 -3.47 -1.94
CA ILE A 352 -16.57 -3.71 -3.37
C ILE A 352 -17.97 -3.14 -3.63
N GLY A 353 -18.81 -3.03 -2.60
CA GLY A 353 -20.15 -2.46 -2.74
C GLY A 353 -21.17 -3.52 -3.08
N LEU A 354 -21.01 -4.75 -2.59
CA LEU A 354 -21.93 -5.87 -2.96
C LEU A 354 -22.80 -6.25 -1.76
N CYS A 355 -22.86 -5.40 -0.73
CA CYS A 355 -23.62 -5.71 0.50
C CYS A 355 -23.80 -4.42 1.31
N LYS B 33 -17.63 27.26 54.87
CA LYS B 33 -18.09 27.19 53.46
C LYS B 33 -19.01 28.38 53.18
N ASN B 34 -19.72 28.86 54.21
CA ASN B 34 -20.65 30.00 54.04
C ASN B 34 -19.85 31.22 53.54
N GLN B 35 -18.70 31.49 54.16
CA GLN B 35 -17.87 32.66 53.75
C GLN B 35 -17.50 32.55 52.27
N ILE B 36 -17.12 31.35 51.81
CA ILE B 36 -16.67 31.17 50.39
C ILE B 36 -17.76 31.69 49.46
N ARG B 37 -19.01 31.25 49.66
CA ARG B 37 -20.12 31.64 48.74
C ARG B 37 -20.24 33.16 48.69
N ASP B 38 -20.15 33.83 49.84
CA ASP B 38 -20.35 35.30 49.90
C ASP B 38 -19.22 36.07 49.21
N ALA B 39 -17.96 35.68 49.43
CA ALA B 39 -16.81 36.46 48.91
C ALA B 39 -16.83 36.61 47.39
N ARG B 40 -17.32 35.61 46.65
CA ARG B 40 -17.26 35.68 45.17
C ARG B 40 -17.98 36.93 44.65
N LYS B 41 -19.26 37.09 44.99
CA LYS B 41 -20.06 38.24 44.45
C LYS B 41 -19.48 39.54 44.99
N ALA B 42 -19.00 39.53 46.24
CA ALA B 42 -18.43 40.74 46.85
C ALA B 42 -17.26 41.27 46.02
N CYS B 43 -16.41 40.39 45.49
CA CYS B 43 -15.19 40.84 44.75
C CYS B 43 -15.47 40.91 43.24
N ALA B 44 -16.48 40.20 42.75
CA ALA B 44 -16.84 40.30 41.31
C ALA B 44 -17.38 41.71 41.06
N ASP B 45 -16.58 42.58 40.44
CA ASP B 45 -17.03 44.00 40.31
C ASP B 45 -17.39 44.26 38.84
N ALA B 46 -16.39 44.55 38.01
CA ALA B 46 -16.63 44.81 36.57
C ALA B 46 -16.11 43.64 35.74
N THR B 47 -16.93 43.09 34.84
CA THR B 47 -16.53 41.94 33.99
C THR B 47 -15.27 42.31 33.21
N LEU B 48 -14.32 41.37 33.09
CA LEU B 48 -13.09 41.62 32.30
C LEU B 48 -13.48 42.00 30.87
N SER B 49 -14.53 41.39 30.32
CA SER B 49 -15.01 41.75 28.97
C SER B 49 -15.31 43.25 28.91
N GLN B 50 -15.95 43.80 29.96
CA GLN B 50 -16.28 45.25 30.00
C GLN B 50 -14.98 46.06 29.96
N ILE B 51 -13.96 45.63 30.72
CA ILE B 51 -12.65 46.35 30.76
C ILE B 51 -11.99 46.27 29.38
N THR B 52 -12.19 45.17 28.65
CA THR B 52 -11.46 44.98 27.36
C THR B 52 -12.24 45.58 26.17
N ASN B 53 -13.39 46.23 26.43
CA ASN B 53 -14.14 46.88 25.33
C ASN B 53 -13.25 47.89 24.60
N ASN B 54 -12.27 48.47 25.29
CA ASN B 54 -11.39 49.51 24.70
C ASN B 54 -10.30 48.88 23.83
N ILE B 55 -9.74 47.74 24.26
CA ILE B 55 -8.60 47.10 23.52
C ILE B 55 -8.97 46.88 22.05
N ASP B 56 -8.02 47.06 21.14
CA ASP B 56 -8.27 46.87 19.68
C ASP B 56 -8.09 45.39 19.30
N PRO B 57 -8.89 44.85 18.35
CA PRO B 57 -8.77 43.44 17.94
C PRO B 57 -7.40 43.02 17.39
N VAL B 58 -7.14 41.71 17.35
CA VAL B 58 -5.83 41.19 16.83
C VAL B 58 -5.86 41.12 15.30
N GLY B 59 -7.04 41.28 14.69
CA GLY B 59 -7.18 41.18 13.22
C GLY B 59 -7.45 39.76 12.81
N ARG B 60 -6.61 39.20 11.93
CA ARG B 60 -6.76 37.78 11.53
C ARG B 60 -5.37 37.12 11.53
N ILE B 61 -5.24 36.01 12.27
CA ILE B 61 -3.94 35.27 12.32
C ILE B 61 -4.06 34.05 11.40
N GLN B 62 -3.23 33.99 10.36
CA GLN B 62 -3.25 32.83 9.42
C GLN B 62 -1.94 32.05 9.59
N MET B 63 -2.01 30.81 10.08
CA MET B 63 -0.80 29.97 10.30
C MET B 63 -0.74 28.89 9.22
N ARG B 64 0.47 28.62 8.69
CA ARG B 64 0.60 27.63 7.58
C ARG B 64 1.57 26.52 7.97
N THR B 65 1.18 25.26 7.74
CA THR B 65 2.06 24.10 8.06
C THR B 65 3.43 24.29 7.41
N ARG B 66 4.49 24.48 8.21
CA ARG B 66 5.88 24.67 7.70
C ARG B 66 6.54 23.29 7.48
N ARG B 67 6.44 22.38 8.45
CA ARG B 67 7.02 21.01 8.34
C ARG B 67 5.95 19.95 8.61
N THR B 68 6.24 18.68 8.29
CA THR B 68 5.30 17.56 8.56
C THR B 68 6.10 16.38 9.11
N LEU B 69 5.96 16.09 10.41
CA LEU B 69 6.73 15.01 11.02
C LEU B 69 5.94 13.71 10.90
N ARG B 70 6.53 12.76 10.16
CA ARG B 70 5.83 11.48 9.89
C ARG B 70 6.74 10.28 10.23
N GLY B 71 6.14 9.17 10.65
CA GLY B 71 6.87 7.96 11.00
C GLY B 71 6.19 7.13 12.06
N HIS B 72 5.28 7.75 12.82
CA HIS B 72 4.50 6.95 13.81
C HIS B 72 3.55 6.01 13.06
N LEU B 73 3.41 4.78 13.53
CA LEU B 73 2.57 3.78 12.81
C LEU B 73 1.19 3.67 13.48
N ALA B 74 0.91 4.52 14.48
CA ALA B 74 -0.37 4.41 15.22
C ALA B 74 -0.78 5.76 15.80
N LYS B 75 -1.87 5.78 16.59
CA LYS B 75 -2.39 7.05 17.17
C LYS B 75 -1.40 7.67 18.15
N ILE B 76 -1.14 8.97 17.98
CA ILE B 76 -0.20 9.71 18.88
C ILE B 76 -1.04 10.37 19.97
N TYR B 77 -0.76 10.04 21.23
CA TYR B 77 -1.61 10.55 22.33
C TYR B 77 -0.96 11.77 22.99
N ALA B 78 0.35 12.00 22.79
CA ALA B 78 1.00 13.12 23.51
C ALA B 78 2.26 13.60 22.80
N MET B 79 2.68 14.84 23.09
CA MET B 79 3.95 15.39 22.54
C MET B 79 4.42 16.52 23.47
N HIS B 80 5.72 16.56 23.79
CA HIS B 80 6.26 17.64 24.66
C HIS B 80 7.42 18.34 23.96
N TRP B 81 7.60 19.64 24.20
CA TRP B 81 8.68 20.43 23.56
C TRP B 81 9.90 20.50 24.47
N GLY B 82 11.10 20.61 23.89
CA GLY B 82 12.31 20.80 24.70
C GLY B 82 12.54 22.26 24.97
N THR B 83 13.22 22.60 26.08
CA THR B 83 13.38 24.03 26.45
C THR B 83 14.18 24.77 25.37
N ASP B 84 14.92 24.04 24.54
CA ASP B 84 15.69 24.67 23.47
C ASP B 84 14.81 25.10 22.32
N SER B 85 13.52 24.79 22.37
CA SER B 85 12.54 25.09 21.33
C SER B 85 12.90 24.45 20.00
N ARG B 86 13.75 23.43 19.99
CA ARG B 86 14.10 22.74 18.76
C ARG B 86 13.80 21.25 18.80
N LEU B 87 14.18 20.56 19.86
CA LEU B 87 13.95 19.13 19.97
C LEU B 87 12.59 18.87 20.60
N LEU B 88 11.91 17.83 20.13
CA LEU B 88 10.64 17.44 20.75
C LEU B 88 10.55 15.93 20.84
N VAL B 89 9.54 15.46 21.58
CA VAL B 89 9.34 14.04 21.85
C VAL B 89 7.87 13.72 21.68
N SER B 90 7.59 12.57 21.07
CA SER B 90 6.20 12.15 20.81
C SER B 90 6.03 10.70 21.21
N ALA B 91 4.85 10.38 21.74
CA ALA B 91 4.51 9.04 22.22
C ALA B 91 3.29 8.52 21.48
N SER B 92 3.37 7.30 20.98
CA SER B 92 2.30 6.71 20.13
C SER B 92 1.88 5.34 20.66
N GLN B 93 0.85 4.73 20.05
CA GLN B 93 0.31 3.44 20.55
C GLN B 93 1.06 2.25 19.96
N ASP B 94 2.05 2.48 19.09
CA ASP B 94 2.89 1.38 18.57
C ASP B 94 4.10 1.18 19.49
N GLY B 95 3.94 1.52 20.78
CA GLY B 95 5.01 1.37 21.74
C GLY B 95 6.20 2.24 21.41
N LYS B 96 5.97 3.41 20.83
CA LYS B 96 7.06 4.20 20.30
C LYS B 96 7.15 5.55 20.98
N LEU B 97 8.34 5.89 21.44
CA LEU B 97 8.64 7.21 21.98
C LEU B 97 9.76 7.76 21.11
N ILE B 98 9.41 8.63 20.16
CA ILE B 98 10.35 9.11 19.16
C ILE B 98 10.79 10.52 19.51
N ILE B 99 12.11 10.77 19.43
CA ILE B 99 12.66 12.15 19.60
C ILE B 99 12.91 12.68 18.18
N TRP B 100 12.46 13.90 17.89
CA TRP B 100 12.57 14.47 16.52
C TRP B 100 13.30 15.81 16.56
N ASP B 101 14.13 16.09 15.56
CA ASP B 101 14.74 17.45 15.46
C ASP B 101 13.79 18.24 14.58
N SER B 102 12.99 19.13 15.18
CA SER B 102 11.95 19.83 14.39
C SER B 102 12.51 20.55 13.16
N TYR B 103 13.71 21.15 13.27
CA TYR B 103 14.27 21.96 12.16
C TYR B 103 14.60 21.10 10.93
N THR B 104 15.36 20.01 11.10
CA THR B 104 15.83 19.19 9.95
C THR B 104 14.93 17.97 9.69
N THR B 105 13.78 17.85 10.36
CA THR B 105 12.85 16.69 10.21
C THR B 105 13.63 15.37 10.30
N ASN B 106 14.51 15.23 11.29
CA ASN B 106 15.36 14.02 11.41
C ASN B 106 15.04 13.27 12.71
N LYS B 107 14.78 11.97 12.63
CA LYS B 107 14.55 11.18 13.86
C LYS B 107 15.88 11.02 14.59
N VAL B 108 16.09 11.76 15.67
CA VAL B 108 17.33 11.61 16.49
C VAL B 108 17.32 10.22 17.15
N HIS B 109 16.29 9.92 17.95
CA HIS B 109 16.25 8.62 18.68
C HIS B 109 14.86 7.99 18.61
N ALA B 110 14.78 6.67 18.51
CA ALA B 110 13.47 5.96 18.55
C ALA B 110 13.51 4.99 19.72
N ILE B 111 12.84 5.33 20.83
CA ILE B 111 12.92 4.49 22.06
C ILE B 111 11.68 3.57 22.13
N PRO B 112 11.85 2.23 22.06
CA PRO B 112 10.72 1.31 22.21
C PRO B 112 10.18 1.32 23.65
N LEU B 113 8.86 1.14 23.80
CA LEU B 113 8.25 1.21 25.16
C LEU B 113 7.70 -0.17 25.55
N ARG B 114 7.94 -0.60 26.79
CA ARG B 114 7.46 -1.92 27.29
C ARG B 114 5.96 -2.05 27.02
N SER B 115 5.14 -1.11 27.52
CA SER B 115 3.69 -1.16 27.25
C SER B 115 3.39 -0.49 25.91
N SER B 116 2.41 -1.01 25.17
CA SER B 116 1.90 -0.34 23.94
C SER B 116 0.76 0.61 24.32
N TRP B 117 0.48 0.73 25.62
CA TRP B 117 -0.58 1.62 26.13
C TRP B 117 0.15 2.80 26.77
N VAL B 118 0.06 3.99 26.18
CA VAL B 118 0.91 5.15 26.59
C VAL B 118 0.09 6.43 26.35
N MET B 119 -0.17 7.17 27.42
CA MET B 119 -1.10 8.33 27.38
C MET B 119 -0.32 9.64 27.57
N THR B 120 0.86 9.57 28.19
CA THR B 120 1.63 10.79 28.54
C THR B 120 3.07 10.66 28.05
N CYS B 121 3.72 11.81 27.78
CA CYS B 121 5.20 11.88 27.59
C CYS B 121 5.69 13.23 28.14
N ALA B 122 7.01 13.35 28.32
CA ALA B 122 7.63 14.58 28.87
C ALA B 122 9.08 14.68 28.40
N TYR B 123 9.74 15.80 28.72
CA TYR B 123 11.13 16.09 28.28
C TYR B 123 11.76 17.06 29.28
N ALA B 124 12.84 16.64 29.93
CA ALA B 124 13.34 17.34 31.14
C ALA B 124 13.80 18.75 30.79
N PRO B 125 13.69 19.71 31.72
CA PRO B 125 14.29 21.04 31.52
C PRO B 125 15.76 20.94 31.08
N SER B 126 16.52 20.04 31.73
CA SER B 126 17.94 19.79 31.38
C SER B 126 18.09 19.33 29.93
N GLY B 127 17.35 18.28 29.56
CA GLY B 127 17.40 17.72 28.19
C GLY B 127 17.93 16.30 28.19
N ASN B 128 18.25 15.78 29.38
CA ASN B 128 18.96 14.49 29.52
C ASN B 128 17.99 13.39 29.98
N TYR B 129 16.69 13.68 30.04
CA TYR B 129 15.67 12.69 30.49
C TYR B 129 14.37 12.90 29.74
N VAL B 130 13.68 11.79 29.40
CA VAL B 130 12.23 11.81 29.06
C VAL B 130 11.48 10.92 30.06
N ALA B 131 10.16 11.07 30.14
CA ALA B 131 9.31 10.20 30.99
C ALA B 131 8.00 9.89 30.27
N CYS B 132 7.58 8.62 30.31
CA CYS B 132 6.28 8.21 29.70
C CYS B 132 5.41 7.51 30.75
N GLY B 133 4.40 6.76 30.31
CA GLY B 133 3.39 6.17 31.21
C GLY B 133 2.05 5.99 30.52
N GLY B 134 1.18 5.14 31.06
CA GLY B 134 -0.11 4.87 30.42
C GLY B 134 -1.00 3.95 31.23
N LEU B 135 -1.62 2.95 30.56
CA LEU B 135 -2.53 1.98 31.25
C LEU B 135 -1.69 1.28 32.31
N ASP B 136 -0.57 0.66 31.92
CA ASP B 136 0.38 0.18 32.95
C ASP B 136 0.58 1.30 33.97
N ASN B 137 0.52 0.99 35.27
CA ASN B 137 0.45 2.04 36.31
C ASN B 137 1.87 2.48 36.70
N ILE B 138 2.80 2.49 35.74
CA ILE B 138 4.24 2.74 36.04
C ILE B 138 4.73 3.94 35.23
N CYS B 139 5.36 4.92 35.88
CA CYS B 139 6.01 6.05 35.16
C CYS B 139 7.45 5.68 34.83
N SER B 140 7.78 5.58 33.54
CA SER B 140 9.07 5.02 33.08
C SER B 140 10.01 6.15 32.63
N ILE B 141 11.07 6.40 33.39
CA ILE B 141 12.04 7.48 33.05
C ILE B 141 13.17 6.88 32.20
N TYR B 142 13.53 7.58 31.11
CA TYR B 142 14.64 7.14 30.22
C TYR B 142 15.75 8.20 30.23
N ASN B 143 16.99 7.77 30.45
CA ASN B 143 18.16 8.65 30.43
C ASN B 143 18.63 8.84 29.00
N LEU B 144 18.73 10.10 28.56
CA LEU B 144 19.06 10.35 27.15
C LEU B 144 20.56 10.27 26.88
N LYS B 145 21.34 11.18 27.45
CA LYS B 145 22.79 11.20 27.21
C LYS B 145 23.44 10.25 28.19
N VAL B 151 19.80 4.12 24.76
CA VAL B 151 18.89 4.77 25.74
C VAL B 151 18.13 3.68 26.51
N ARG B 152 18.26 3.68 27.84
CA ARG B 152 17.74 2.56 28.67
C ARG B 152 16.99 3.12 29.89
N VAL B 153 15.94 2.43 30.32
CA VAL B 153 15.17 2.82 31.55
C VAL B 153 16.15 2.91 32.71
N SER B 154 16.32 4.12 33.26
CA SER B 154 17.21 4.37 34.42
C SER B 154 16.41 4.22 35.72
N ARG B 155 15.08 4.25 35.64
CA ARG B 155 14.20 4.19 36.83
C ARG B 155 12.76 3.88 36.41
N GLU B 156 12.06 3.05 37.19
CA GLU B 156 10.59 2.91 37.04
C GLU B 156 9.89 3.29 38.36
N LEU B 157 8.92 4.19 38.28
CA LEU B 157 8.18 4.68 39.47
C LEU B 157 6.81 4.00 39.54
N ALA B 158 6.55 3.29 40.64
CA ALA B 158 5.33 2.53 40.85
C ALA B 158 4.67 2.95 42.16
N GLY B 159 3.37 2.71 42.25
CA GLY B 159 2.62 3.03 43.45
C GLY B 159 1.21 3.53 43.21
N HIS B 160 0.99 4.15 42.05
CA HIS B 160 -0.36 4.59 41.64
C HIS B 160 -1.22 3.38 41.31
N THR B 161 -2.52 3.45 41.62
CA THR B 161 -3.46 2.33 41.37
C THR B 161 -4.41 2.70 40.23
N GLY B 162 -3.88 3.33 39.17
CA GLY B 162 -4.69 3.81 38.04
C GLY B 162 -3.83 4.38 36.93
N TYR B 163 -4.39 4.47 35.72
CA TYR B 163 -3.64 4.90 34.51
C TYR B 163 -3.04 6.29 34.73
N LEU B 164 -1.76 6.46 34.39
CA LEU B 164 -1.10 7.79 34.45
C LEU B 164 -1.67 8.68 33.34
N SER B 165 -2.25 9.82 33.69
CA SER B 165 -2.81 10.72 32.70
C SER B 165 -1.83 11.79 32.24
N CYS B 166 -1.09 12.40 33.16
CA CYS B 166 -0.14 13.44 32.78
C CYS B 166 1.02 13.43 33.77
N CYS B 167 2.18 13.88 33.31
CA CYS B 167 3.37 13.97 34.14
C CYS B 167 4.23 15.11 33.64
N ARG B 168 4.88 15.81 34.58
CA ARG B 168 5.68 16.98 34.25
C ARG B 168 6.94 16.96 35.11
N PHE B 169 8.10 17.15 34.50
CA PHE B 169 9.34 17.19 35.25
C PHE B 169 9.42 18.46 36.09
N LEU B 170 9.41 18.32 37.42
CA LEU B 170 9.53 19.54 38.27
C LEU B 170 10.93 20.12 38.11
N ASP B 171 11.96 19.27 38.16
CA ASP B 171 13.32 19.66 37.87
C ASP B 171 14.05 18.43 37.36
N ASP B 172 15.38 18.45 37.40
CA ASP B 172 16.14 17.29 36.96
C ASP B 172 15.98 16.10 37.89
N ASN B 173 15.48 16.30 39.12
CA ASN B 173 15.44 15.22 40.09
C ASN B 173 14.07 14.95 40.69
N GLN B 174 13.06 15.78 40.42
CA GLN B 174 11.73 15.58 40.96
C GLN B 174 10.71 15.62 39.84
N ILE B 175 9.66 14.80 39.96
CA ILE B 175 8.65 14.69 38.92
C ILE B 175 7.28 14.67 39.56
N VAL B 176 6.32 15.34 38.92
CA VAL B 176 4.94 15.37 39.40
C VAL B 176 4.08 14.59 38.42
N THR B 177 3.28 13.66 38.93
CA THR B 177 2.43 12.82 38.10
C THR B 177 1.00 12.86 38.61
N SER B 178 0.07 12.58 37.71
CA SER B 178 -1.39 12.58 38.00
C SER B 178 -2.03 11.32 37.39
N SER B 179 -2.78 10.57 38.20
CA SER B 179 -3.19 9.19 37.85
C SER B 179 -4.72 9.06 37.83
N GLY B 180 -5.22 7.91 37.39
CA GLY B 180 -6.68 7.69 37.27
C GLY B 180 -7.30 7.13 38.55
N ASP B 181 -6.53 7.14 39.65
CA ASP B 181 -7.07 6.77 40.98
C ASP B 181 -7.19 8.02 41.84
N THR B 182 -7.51 9.16 41.22
CA THR B 182 -7.87 10.44 41.89
C THR B 182 -6.74 10.94 42.79
N THR B 183 -5.49 10.51 42.53
CA THR B 183 -4.32 10.92 43.35
C THR B 183 -3.22 11.49 42.44
N CYS B 184 -2.71 12.67 42.78
CA CYS B 184 -1.46 13.20 42.19
C CYS B 184 -0.30 12.93 43.15
N ALA B 185 0.94 12.92 42.65
CA ALA B 185 2.06 12.60 43.52
C ALA B 185 3.33 13.26 43.03
N LEU B 186 4.13 13.76 43.97
CA LEU B 186 5.54 14.17 43.71
C LEU B 186 6.45 12.98 43.99
N TRP B 187 7.42 12.73 43.10
CA TRP B 187 8.33 11.55 43.23
C TRP B 187 9.78 12.04 43.35
N ASP B 188 10.49 11.59 44.39
CA ASP B 188 11.97 11.58 44.39
C ASP B 188 12.45 10.44 43.49
N ILE B 189 13.41 10.72 42.60
CA ILE B 189 13.90 9.67 41.65
C ILE B 189 15.01 8.88 42.33
N GLU B 190 15.83 9.55 43.15
CA GLU B 190 16.96 8.93 43.88
C GLU B 190 16.53 7.56 44.46
N THR B 191 15.57 7.58 45.38
CA THR B 191 15.09 6.34 46.03
C THR B 191 14.01 5.70 45.14
N GLY B 192 12.96 6.47 44.81
CA GLY B 192 11.90 5.98 43.91
C GLY B 192 10.58 5.83 44.63
N GLN B 193 10.26 6.78 45.53
CA GLN B 193 9.05 6.68 46.38
C GLN B 193 8.19 7.94 46.18
N GLN B 194 6.90 7.84 46.49
CA GLN B 194 6.03 9.05 46.57
C GLN B 194 6.49 9.88 47.77
N THR B 195 7.16 11.01 47.50
CA THR B 195 7.53 11.97 48.58
C THR B 195 6.26 12.50 49.26
N THR B 196 5.38 13.13 48.48
CA THR B 196 4.04 13.56 48.98
C THR B 196 2.94 12.91 48.14
N THR B 197 1.67 13.12 48.53
CA THR B 197 0.52 12.62 47.75
C THR B 197 -0.61 13.66 47.80
N PHE B 198 -1.01 14.20 46.63
CA PHE B 198 -2.01 15.27 46.54
C PHE B 198 -3.41 14.66 46.31
N THR B 199 -4.19 14.52 47.37
CA THR B 199 -5.49 13.87 47.30
C THR B 199 -6.60 14.84 47.65
N GLY B 200 -7.80 14.53 47.18
CA GLY B 200 -8.95 15.38 47.45
C GLY B 200 -9.88 15.46 46.26
N HIS B 201 -9.35 15.25 45.06
CA HIS B 201 -10.19 15.20 43.87
C HIS B 201 -11.06 13.95 43.92
N THR B 202 -12.33 14.11 43.53
CA THR B 202 -13.27 13.00 43.49
C THR B 202 -13.36 12.35 42.12
N GLY B 203 -12.56 12.81 41.17
CA GLY B 203 -12.59 12.25 39.83
C GLY B 203 -11.18 12.03 39.31
N ASP B 204 -11.11 11.33 38.18
CA ASP B 204 -9.82 11.00 37.59
C ASP B 204 -9.12 12.26 37.12
N VAL B 205 -8.02 12.63 37.79
CA VAL B 205 -7.26 13.79 37.36
C VAL B 205 -6.61 13.49 36.02
N MET B 206 -6.96 14.30 35.01
CA MET B 206 -6.50 14.04 33.62
C MET B 206 -5.61 15.15 33.04
N SER B 207 -5.45 16.30 33.70
CA SER B 207 -4.55 17.29 33.14
C SER B 207 -3.76 17.93 34.28
N LEU B 208 -2.54 18.34 33.95
CA LEU B 208 -1.61 18.82 34.97
C LEU B 208 -0.76 19.93 34.37
N SER B 209 -0.69 21.07 35.05
CA SER B 209 0.09 22.20 34.58
C SER B 209 1.01 22.69 35.68
N LEU B 210 2.29 22.86 35.35
CA LEU B 210 3.28 23.32 36.35
C LEU B 210 3.51 24.83 36.18
N ALA B 211 3.56 25.57 37.28
CA ALA B 211 3.73 27.05 37.20
C ALA B 211 5.10 27.40 36.62
N PRO B 212 5.26 28.57 35.97
CA PRO B 212 6.57 28.99 35.45
C PRO B 212 7.65 29.02 36.55
N ASP B 213 7.27 29.39 37.78
CA ASP B 213 8.24 29.47 38.91
C ASP B 213 8.45 28.07 39.51
N THR B 214 7.75 27.05 39.01
CA THR B 214 7.87 25.65 39.51
C THR B 214 7.71 25.61 41.03
N ARG B 215 6.75 26.36 41.57
CA ARG B 215 6.47 26.34 43.03
C ARG B 215 5.07 25.75 43.27
N LEU B 216 4.12 26.06 42.38
CA LEU B 216 2.72 25.56 42.51
C LEU B 216 2.37 24.74 41.26
N PHE B 217 1.28 23.97 41.32
CA PHE B 217 0.81 23.25 40.11
C PHE B 217 -0.71 23.15 40.16
N VAL B 218 -1.35 23.14 38.99
CA VAL B 218 -2.81 23.00 39.01
C VAL B 218 -3.21 21.75 38.25
N SER B 219 -4.21 21.05 38.78
CA SER B 219 -4.66 19.76 38.26
C SER B 219 -6.13 19.85 37.89
N GLY B 220 -6.48 19.25 36.76
CA GLY B 220 -7.86 19.18 36.30
C GLY B 220 -8.33 17.74 36.21
N ALA B 221 -9.51 17.48 36.78
CA ALA B 221 -10.02 16.13 36.94
C ALA B 221 -11.44 15.94 36.40
N CYS B 222 -12.01 14.77 36.66
CA CYS B 222 -13.32 14.38 36.13
C CYS B 222 -14.47 15.14 36.75
N ASP B 223 -14.29 15.70 37.94
CA ASP B 223 -15.37 16.29 38.71
C ASP B 223 -15.69 17.71 38.29
N ALA B 224 -15.33 18.08 37.06
CA ALA B 224 -15.56 19.46 36.56
C ALA B 224 -14.96 20.48 37.53
N SER B 225 -13.92 20.08 38.27
CA SER B 225 -13.26 21.02 39.21
C SER B 225 -11.74 21.00 39.00
N ALA B 226 -11.08 22.13 39.19
CA ALA B 226 -9.60 22.20 39.09
C ALA B 226 -9.04 22.67 40.42
N LYS B 227 -7.98 22.04 40.92
CA LYS B 227 -7.48 22.41 42.27
C LYS B 227 -6.03 22.89 42.21
N LEU B 228 -5.72 24.00 42.87
CA LEU B 228 -4.33 24.51 42.95
C LEU B 228 -3.62 23.81 44.11
N TRP B 229 -2.41 23.30 43.91
CA TRP B 229 -1.65 22.63 44.99
C TRP B 229 -0.24 23.18 45.06
N ASP B 230 0.34 23.25 46.26
CA ASP B 230 1.77 23.66 46.36
C ASP B 230 2.61 22.38 46.52
N VAL B 231 3.76 22.31 45.83
CA VAL B 231 4.59 21.06 45.88
C VAL B 231 5.21 20.96 47.28
N ARG B 232 5.45 22.09 47.95
CA ARG B 232 6.09 22.11 49.28
C ARG B 232 5.29 21.23 50.26
N GLU B 233 4.04 21.60 50.51
CA GLU B 233 3.18 20.80 51.43
C GLU B 233 1.99 20.25 50.64
N GLY B 234 1.57 19.02 50.95
CA GLY B 234 0.43 18.40 50.25
C GLY B 234 -0.90 19.00 50.70
N MET B 235 -1.02 20.32 50.63
CA MET B 235 -2.27 21.01 51.07
C MET B 235 -2.87 21.78 49.90
N CYS B 236 -4.01 21.33 49.39
CA CYS B 236 -4.70 22.01 48.30
C CYS B 236 -4.81 23.50 48.61
N ARG B 237 -4.08 24.31 47.86
CA ARG B 237 -4.18 25.77 48.08
C ARG B 237 -5.57 26.25 47.67
N GLN B 238 -6.02 25.95 46.43
CA GLN B 238 -7.31 26.53 46.00
C GLN B 238 -8.10 25.55 45.14
N THR B 239 -9.41 25.77 45.06
CA THR B 239 -10.32 24.95 44.26
C THR B 239 -11.20 25.87 43.43
N PHE B 240 -11.31 25.53 42.13
CA PHE B 240 -12.11 26.34 41.17
C PHE B 240 -13.15 25.42 40.53
N THR B 241 -14.43 25.82 40.54
CA THR B 241 -15.53 25.02 40.01
C THR B 241 -16.36 25.89 39.05
N GLY B 242 -16.07 25.81 37.76
CA GLY B 242 -16.86 26.57 36.78
C GLY B 242 -17.37 25.71 35.65
N HIS B 243 -16.66 24.63 35.33
CA HIS B 243 -17.05 23.81 34.19
C HIS B 243 -18.26 22.95 34.50
N GLU B 244 -18.82 22.35 33.45
CA GLU B 244 -19.98 21.48 33.58
C GLU B 244 -19.63 20.02 33.36
N SER B 245 -18.48 19.72 32.75
CA SER B 245 -18.08 18.36 32.43
C SER B 245 -16.64 18.15 32.89
N ASP B 246 -16.15 16.93 32.70
CA ASP B 246 -14.78 16.60 33.09
C ASP B 246 -13.79 17.48 32.33
N ILE B 247 -12.72 17.85 33.02
CA ILE B 247 -11.70 18.73 32.47
C ILE B 247 -10.59 17.86 31.89
N ASN B 248 -10.27 18.08 30.61
CA ASN B 248 -9.26 17.27 29.96
C ASN B 248 -7.94 18.00 29.73
N ALA B 249 -7.94 19.33 29.74
CA ALA B 249 -6.73 20.09 29.49
C ALA B 249 -6.62 21.25 30.46
N ILE B 250 -5.38 21.69 30.70
CA ILE B 250 -5.15 22.90 31.48
C ILE B 250 -3.74 23.38 31.16
N CYS B 251 -3.53 24.69 31.29
CA CYS B 251 -2.22 25.29 31.06
C CYS B 251 -2.14 26.61 31.79
N PHE B 252 -1.03 26.84 32.47
CA PHE B 252 -0.83 28.11 33.17
C PHE B 252 -0.70 29.26 32.19
N PHE B 253 -1.19 30.43 32.61
CA PHE B 253 -0.87 31.65 31.91
C PHE B 253 0.61 31.97 32.09
N PRO B 254 1.25 32.58 31.09
CA PRO B 254 2.69 32.88 31.22
C PRO B 254 3.03 33.73 32.44
N ASN B 255 2.12 34.61 32.86
CA ASN B 255 2.36 35.38 34.07
C ASN B 255 2.46 34.50 35.29
N GLY B 256 1.77 33.36 35.29
CA GLY B 256 1.75 32.49 36.44
C GLY B 256 0.65 32.79 37.44
N ASN B 257 -0.15 33.82 37.21
CA ASN B 257 -1.23 34.19 38.11
C ASN B 257 -2.61 33.79 37.59
N ALA B 258 -2.65 33.08 36.47
CA ALA B 258 -3.96 32.71 35.87
C ALA B 258 -3.83 31.34 35.19
N PHE B 259 -4.97 30.74 34.85
CA PHE B 259 -4.91 29.45 34.11
C PHE B 259 -6.16 29.26 33.25
N ALA B 260 -6.04 28.44 32.20
CA ALA B 260 -7.15 28.16 31.32
C ALA B 260 -7.41 26.67 31.29
N THR B 261 -8.71 26.32 31.30
CA THR B 261 -9.11 24.90 31.39
C THR B 261 -10.04 24.51 30.25
N GLY B 262 -9.73 23.42 29.55
CA GLY B 262 -10.58 22.87 28.52
C GLY B 262 -11.30 21.64 29.05
N SER B 263 -12.57 21.49 28.67
CA SER B 263 -13.40 20.41 29.16
C SER B 263 -14.20 19.81 28.01
N ASP B 264 -14.92 18.73 28.31
CA ASP B 264 -15.83 18.12 27.34
C ASP B 264 -17.12 18.90 27.19
N ASP B 265 -17.30 19.98 27.94
CA ASP B 265 -18.43 20.89 27.85
C ASP B 265 -18.37 21.79 26.61
N ALA B 266 -17.46 21.49 25.68
CA ALA B 266 -17.31 22.26 24.45
C ALA B 266 -17.04 23.74 24.76
N THR B 267 -16.25 23.98 25.80
CA THR B 267 -15.94 25.35 26.22
C THR B 267 -14.60 25.36 26.94
N CYS B 268 -13.95 26.52 26.91
CA CYS B 268 -12.75 26.78 27.69
C CYS B 268 -13.03 27.88 28.70
N ARG B 269 -12.24 27.95 29.76
CA ARG B 269 -12.51 28.98 30.81
C ARG B 269 -11.20 29.52 31.37
N LEU B 270 -11.06 30.85 31.42
CA LEU B 270 -9.84 31.49 31.97
C LEU B 270 -10.10 31.91 33.42
N PHE B 271 -9.57 31.17 34.40
CA PHE B 271 -9.73 31.54 35.83
C PHE B 271 -8.55 32.42 36.23
N ASP B 272 -8.62 33.00 37.43
CA ASP B 272 -7.49 33.84 37.94
C ASP B 272 -7.13 33.38 39.36
N LEU B 273 -5.85 33.07 39.59
CA LEU B 273 -5.39 32.58 40.92
C LEU B 273 -5.69 33.63 41.99
N ARG B 274 -5.23 34.87 41.77
CA ARG B 274 -5.41 35.91 42.79
C ARG B 274 -6.89 36.23 43.00
N ALA B 275 -7.66 36.24 41.92
CA ALA B 275 -9.11 36.57 42.03
C ALA B 275 -9.87 35.37 42.62
N ASP B 276 -9.31 34.16 42.52
CA ASP B 276 -9.93 32.96 43.06
C ASP B 276 -11.33 32.73 42.48
N GLN B 277 -11.50 33.03 41.19
CA GLN B 277 -12.82 32.88 40.53
C GLN B 277 -12.68 32.89 39.00
N GLU B 278 -13.78 32.74 38.27
CA GLU B 278 -13.74 32.72 36.79
C GLU B 278 -13.85 34.16 36.25
N LEU B 279 -13.10 34.46 35.18
CA LEU B 279 -13.11 35.85 34.62
C LEU B 279 -13.73 35.85 33.22
N MET B 280 -13.39 34.87 32.39
CA MET B 280 -13.91 34.85 30.98
C MET B 280 -14.28 33.42 30.55
N THR B 281 -15.11 33.29 29.51
CA THR B 281 -15.53 31.96 29.00
C THR B 281 -15.37 31.93 27.47
N TYR B 282 -14.66 30.93 26.93
CA TYR B 282 -14.41 30.92 25.50
C TYR B 282 -15.19 29.75 24.91
N SER B 283 -16.33 30.04 24.30
CA SER B 283 -17.17 29.01 23.72
C SER B 283 -17.87 29.59 22.52
N HIS B 284 -18.03 28.76 21.49
CA HIS B 284 -18.75 29.16 20.30
C HIS B 284 -19.74 28.07 19.92
N ASP B 285 -20.89 28.49 19.39
CA ASP B 285 -22.00 27.58 19.14
C ASP B 285 -21.64 26.50 18.12
N ASN B 286 -20.90 26.87 17.08
CA ASN B 286 -20.57 25.90 16.00
C ASN B 286 -19.74 24.76 16.59
N ILE B 287 -19.28 24.91 17.85
CA ILE B 287 -18.42 23.86 18.48
C ILE B 287 -19.23 23.14 19.56
N ILE B 288 -19.42 21.83 19.38
CA ILE B 288 -20.12 21.02 20.38
C ILE B 288 -19.27 19.89 20.93
N CYS B 289 -18.06 19.75 20.38
CA CYS B 289 -17.17 18.63 20.80
C CYS B 289 -16.23 19.11 21.91
N GLY B 290 -15.63 18.17 22.65
CA GLY B 290 -14.75 18.50 23.76
C GLY B 290 -13.41 19.05 23.31
N ILE B 291 -12.68 19.57 24.28
CA ILE B 291 -11.35 20.12 24.07
C ILE B 291 -10.32 19.13 24.60
N THR B 292 -9.33 18.81 23.78
CA THR B 292 -8.30 17.86 24.18
C THR B 292 -7.04 18.54 24.72
N SER B 293 -6.79 19.77 24.24
CA SER B 293 -5.54 20.48 24.62
C SER B 293 -5.72 22.01 24.54
N VAL B 294 -5.16 22.74 25.51
CA VAL B 294 -5.18 24.24 25.46
C VAL B 294 -3.75 24.74 25.70
N SER B 295 -3.34 25.82 25.03
CA SER B 295 -1.94 26.33 25.15
C SER B 295 -1.92 27.86 25.00
N PHE B 296 -0.99 28.54 25.67
CA PHE B 296 -0.89 29.98 25.53
C PHE B 296 0.28 30.34 24.62
N SER B 297 0.24 31.54 24.07
CA SER B 297 1.38 32.10 23.37
C SER B 297 2.44 32.51 24.37
N LYS B 298 3.56 33.03 23.86
CA LYS B 298 4.62 33.49 24.75
C LYS B 298 4.15 34.65 25.61
N SER B 299 3.42 35.61 25.01
CA SER B 299 2.87 36.71 25.80
C SER B 299 1.49 36.39 26.35
N GLY B 300 0.92 35.23 26.01
CA GLY B 300 -0.38 34.86 26.52
C GLY B 300 -1.55 35.53 25.85
N ARG B 301 -1.33 36.23 24.74
CA ARG B 301 -2.43 36.90 24.07
C ARG B 301 -3.30 35.94 23.29
N LEU B 302 -2.69 34.95 22.65
CA LEU B 302 -3.46 34.00 21.81
C LEU B 302 -3.66 32.68 22.56
N LEU B 303 -4.90 32.17 22.61
CA LEU B 303 -5.17 30.87 23.28
C LEU B 303 -5.49 29.83 22.20
N LEU B 304 -4.52 29.01 21.83
CA LEU B 304 -4.78 27.91 20.87
C LEU B 304 -5.64 26.86 21.58
N ALA B 305 -6.54 26.19 20.85
CA ALA B 305 -7.40 25.15 21.46
C ALA B 305 -7.70 24.06 20.43
N GLY B 306 -7.56 22.80 20.83
CA GLY B 306 -7.79 21.65 19.91
C GLY B 306 -9.17 21.06 20.13
N TYR B 307 -9.78 20.51 19.07
CA TYR B 307 -11.17 19.98 19.19
C TYR B 307 -11.29 18.62 18.49
N ASP B 308 -12.49 18.01 18.56
CA ASP B 308 -12.73 16.70 17.92
C ASP B 308 -13.29 16.89 16.51
N ASP B 309 -13.50 18.13 16.09
CA ASP B 309 -13.98 18.41 14.70
C ASP B 309 -12.79 18.45 13.74
N PHE B 310 -11.67 17.80 14.11
CA PHE B 310 -10.45 17.76 13.25
C PHE B 310 -9.99 19.19 12.96
N ASN B 311 -10.18 20.11 13.90
CA ASN B 311 -9.80 21.54 13.70
C ASN B 311 -9.16 22.10 14.97
N CYS B 312 -8.40 23.18 14.85
CA CYS B 312 -7.80 23.85 16.04
C CYS B 312 -8.14 25.33 15.98
N ASN B 313 -9.00 25.81 16.87
CA ASN B 313 -9.47 27.22 16.79
C ASN B 313 -8.58 28.15 17.62
N VAL B 314 -8.12 29.25 17.02
CA VAL B 314 -7.30 30.25 17.77
C VAL B 314 -8.26 31.27 18.37
N TRP B 315 -8.11 31.59 19.65
CA TRP B 315 -8.96 32.58 20.33
C TRP B 315 -8.12 33.72 20.86
N ASP B 316 -8.75 34.89 20.96
CA ASP B 316 -8.15 36.02 21.65
C ASP B 316 -8.36 35.84 23.14
N ALA B 317 -7.27 35.67 23.88
CA ALA B 317 -7.38 35.43 25.31
C ALA B 317 -7.93 36.65 26.03
N LEU B 318 -7.94 37.80 25.38
CA LEU B 318 -8.49 39.01 25.97
C LEU B 318 -9.85 39.39 25.44
N LYS B 319 -10.32 38.75 24.36
CA LYS B 319 -11.56 39.14 23.71
C LYS B 319 -12.53 38.01 23.46
N ALA B 320 -12.14 36.76 23.73
CA ALA B 320 -13.01 35.60 23.51
C ALA B 320 -13.47 35.52 22.06
N ASP B 321 -12.58 35.86 21.14
CA ASP B 321 -12.91 35.96 19.72
C ASP B 321 -12.01 35.00 18.93
N ARG B 322 -12.64 34.28 17.99
CA ARG B 322 -11.88 33.30 17.17
C ARG B 322 -10.96 34.03 16.20
N ALA B 323 -9.67 34.13 16.53
CA ALA B 323 -8.72 34.75 15.63
C ALA B 323 -8.36 33.88 14.45
N GLY B 324 -8.52 32.56 14.52
CA GLY B 324 -8.23 31.77 13.31
C GLY B 324 -8.53 30.28 13.44
N VAL B 325 -8.16 29.49 12.42
CA VAL B 325 -8.37 28.02 12.45
C VAL B 325 -7.09 27.33 11.94
N LEU B 326 -6.66 26.25 12.60
CA LEU B 326 -5.46 25.49 12.15
C LEU B 326 -5.92 24.15 11.58
N ALA B 327 -6.85 24.16 10.63
CA ALA B 327 -7.38 22.94 10.03
C ALA B 327 -6.29 22.20 9.26
N GLY B 328 -6.41 20.88 9.19
CA GLY B 328 -5.47 20.10 8.39
C GLY B 328 -5.08 18.75 8.96
N HIS B 329 -5.50 18.44 10.19
CA HIS B 329 -5.22 17.14 10.78
C HIS B 329 -6.29 16.14 10.35
N ASP B 330 -5.89 14.93 10.00
CA ASP B 330 -6.90 13.94 9.49
C ASP B 330 -7.70 13.38 10.66
N ASN B 331 -7.07 13.15 11.81
CA ASN B 331 -7.75 12.59 12.96
C ASN B 331 -7.77 13.61 14.11
N ARG B 332 -8.22 13.16 15.29
CA ARG B 332 -8.42 14.10 16.39
C ARG B 332 -7.09 14.64 16.89
N VAL B 333 -7.04 15.94 17.14
CA VAL B 333 -5.85 16.60 17.67
C VAL B 333 -5.77 16.25 19.16
N SER B 334 -4.77 15.44 19.53
CA SER B 334 -4.69 14.92 20.89
C SER B 334 -3.88 15.82 21.81
N CYS B 335 -2.70 16.28 21.39
CA CYS B 335 -1.89 17.14 22.23
C CYS B 335 -1.36 18.31 21.42
N LEU B 336 -1.17 19.45 22.09
CA LEU B 336 -0.73 20.71 21.42
C LEU B 336 0.34 21.39 22.28
N GLY B 337 1.36 21.99 21.68
CA GLY B 337 2.47 22.59 22.40
C GLY B 337 2.99 23.87 21.79
N VAL B 338 3.42 24.79 22.63
CA VAL B 338 4.01 26.06 22.19
C VAL B 338 5.45 26.10 22.69
N THR B 339 6.37 26.45 21.79
CA THR B 339 7.79 26.48 22.14
C THR B 339 8.05 27.49 23.24
N ASP B 340 9.14 27.32 23.98
CA ASP B 340 9.45 28.20 25.10
C ASP B 340 9.66 29.64 24.63
N ASP B 341 10.19 29.80 23.41
CA ASP B 341 10.48 31.15 22.86
C ASP B 341 9.28 31.70 22.07
N GLY B 342 8.21 30.91 21.92
CA GLY B 342 6.98 31.39 21.26
C GLY B 342 7.10 31.44 19.75
N MET B 343 8.13 30.83 19.17
CA MET B 343 8.38 30.86 17.71
C MET B 343 7.31 30.05 16.97
N ALA B 344 6.94 28.85 17.45
CA ALA B 344 6.03 28.02 16.68
C ALA B 344 5.21 27.14 17.63
N VAL B 345 4.15 26.58 17.04
CA VAL B 345 3.20 25.71 17.78
C VAL B 345 3.13 24.36 17.06
N ALA B 346 3.28 23.25 17.80
CA ALA B 346 3.25 21.92 17.21
C ALA B 346 2.04 21.16 17.71
N THR B 347 1.34 20.52 16.78
CA THR B 347 0.13 19.76 17.10
C THR B 347 0.33 18.30 16.73
N GLY B 348 0.11 17.41 17.71
CA GLY B 348 0.05 15.99 17.42
C GLY B 348 -1.38 15.50 17.38
N SER B 349 -1.59 14.38 16.70
CA SER B 349 -2.95 13.91 16.46
C SER B 349 -2.99 12.41 16.36
N TRP B 350 -4.22 11.88 16.36
CA TRP B 350 -4.46 10.45 16.23
C TRP B 350 -4.15 9.94 14.84
N ASP B 351 -3.88 10.81 13.88
CA ASP B 351 -3.58 10.42 12.50
C ASP B 351 -2.12 10.09 12.28
N SER B 352 -1.35 9.87 13.35
CA SER B 352 0.04 9.44 13.27
C SER B 352 0.94 10.46 12.58
N PHE B 353 0.63 11.76 12.73
CA PHE B 353 1.44 12.84 12.08
C PHE B 353 1.52 14.09 12.97
N LEU B 354 2.72 14.66 13.15
CA LEU B 354 2.87 15.91 13.88
C LEU B 354 2.98 17.05 12.87
N LYS B 355 2.43 18.20 13.22
CA LYS B 355 2.44 19.34 12.32
C LYS B 355 3.01 20.54 13.06
N ILE B 356 4.06 21.14 12.50
CA ILE B 356 4.63 22.39 13.07
C ILE B 356 4.04 23.54 12.25
N TRP B 357 3.59 24.62 12.89
CA TRP B 357 2.84 25.67 12.14
C TRP B 357 3.54 27.02 12.08
N ASN B 358 4.23 27.47 13.13
CA ASN B 358 4.92 28.79 13.14
C ASN B 358 3.87 29.88 12.92
N TYR C 165 32.58 -39.66 -3.18
CA TYR C 165 32.74 -38.47 -2.32
C TYR C 165 32.05 -37.27 -2.97
N GLN C 166 32.37 -36.05 -2.50
CA GLN C 166 31.81 -34.82 -3.11
C GLN C 166 32.75 -34.34 -4.22
N VAL C 167 33.98 -34.87 -4.25
CA VAL C 167 34.96 -34.50 -5.31
C VAL C 167 34.46 -35.02 -6.65
N ILE C 168 34.01 -36.29 -6.70
CA ILE C 168 33.51 -36.89 -7.96
C ILE C 168 32.33 -36.04 -8.48
N THR C 169 31.36 -35.73 -7.61
CA THR C 169 30.16 -34.97 -8.05
C THR C 169 30.54 -33.55 -8.50
N SER C 170 31.66 -33.02 -8.00
CA SER C 170 32.05 -31.63 -8.35
C SER C 170 32.80 -31.59 -9.68
N LEU C 171 33.59 -32.63 -9.98
CA LEU C 171 34.34 -32.69 -11.27
C LEU C 171 33.36 -32.94 -12.43
N LEU C 172 32.43 -33.88 -12.26
CA LEU C 172 31.48 -34.23 -13.34
C LEU C 172 30.62 -33.00 -13.67
N LEU C 173 29.99 -32.41 -12.64
CA LEU C 173 29.12 -31.22 -12.86
C LEU C 173 29.98 -30.04 -13.35
N GLY C 174 31.24 -29.95 -12.89
CA GLY C 174 32.15 -28.88 -13.36
C GLY C 174 32.47 -28.98 -14.84
N THR C 175 32.78 -30.20 -15.32
CA THR C 175 33.09 -30.42 -16.76
C THR C 175 31.86 -30.08 -17.60
N LEU C 176 30.67 -30.48 -17.14
CA LEU C 176 29.42 -30.20 -17.89
C LEU C 176 29.24 -28.69 -18.06
N ILE C 177 29.41 -27.91 -16.99
CA ILE C 177 29.14 -26.45 -17.08
C ILE C 177 30.27 -25.73 -17.84
N PHE C 178 31.49 -26.28 -17.84
CA PHE C 178 32.58 -25.69 -18.66
C PHE C 178 32.30 -25.92 -20.15
N CYS C 179 31.93 -27.14 -20.53
CA CYS C 179 31.66 -27.47 -21.96
C CYS C 179 30.42 -26.73 -22.44
N ALA C 180 29.49 -26.40 -21.54
CA ALA C 180 28.29 -25.62 -21.93
C ALA C 180 28.69 -24.16 -22.16
N VAL C 181 29.42 -23.56 -21.21
CA VAL C 181 29.86 -22.15 -21.34
C VAL C 181 30.92 -22.06 -22.44
N LEU C 182 31.36 -23.21 -22.99
CA LEU C 182 32.30 -23.12 -24.10
C LEU C 182 31.57 -23.23 -25.44
N GLY C 183 30.71 -24.23 -25.57
CA GLY C 183 30.00 -24.45 -26.85
C GLY C 183 29.21 -23.22 -27.26
N ASN C 184 28.42 -22.67 -26.34
CA ASN C 184 27.55 -21.51 -26.67
C ASN C 184 28.39 -20.29 -27.04
N ALA C 185 29.52 -20.06 -26.35
CA ALA C 185 30.34 -18.85 -26.61
C ALA C 185 30.93 -18.90 -28.02
N CYS C 186 31.38 -20.07 -28.47
CA CYS C 186 31.96 -20.21 -29.84
C CYS C 186 30.90 -19.94 -30.90
N VAL C 187 29.65 -20.37 -30.68
CA VAL C 187 28.56 -20.15 -31.67
C VAL C 187 28.31 -18.64 -31.81
N VAL C 188 28.18 -17.90 -30.72
CA VAL C 188 27.86 -16.44 -30.82
C VAL C 188 29.07 -15.69 -31.44
N ALA C 189 30.30 -16.15 -31.15
CA ALA C 189 31.51 -15.51 -31.73
C ALA C 189 31.55 -15.70 -33.25
N ALA C 190 31.33 -16.92 -33.74
CA ALA C 190 31.42 -17.19 -35.19
C ALA C 190 30.43 -16.32 -35.95
N ILE C 191 29.20 -16.21 -35.47
CA ILE C 191 28.14 -15.39 -36.16
C ILE C 191 28.62 -13.94 -36.25
N ALA C 192 29.45 -13.49 -35.31
CA ALA C 192 29.90 -12.07 -35.29
C ALA C 192 31.16 -11.89 -36.14
N LEU C 193 32.13 -12.79 -36.01
CA LEU C 193 33.43 -12.64 -36.73
C LEU C 193 33.24 -12.85 -38.24
N GLU C 194 32.41 -13.82 -38.65
CA GLU C 194 32.27 -14.13 -40.10
C GLU C 194 30.99 -13.51 -40.67
N ARG C 195 31.05 -13.04 -41.92
CA ARG C 195 29.88 -12.37 -42.56
C ARG C 195 29.11 -13.34 -43.46
N SER C 196 29.35 -14.64 -43.32
CA SER C 196 28.57 -15.65 -44.10
C SER C 196 27.47 -16.23 -43.20
N LEU C 197 27.45 -15.85 -41.92
CA LEU C 197 26.45 -16.38 -40.95
C LEU C 197 25.64 -15.22 -40.37
N GLN C 198 24.98 -14.42 -41.20
CA GLN C 198 24.26 -13.21 -40.71
C GLN C 198 22.86 -13.11 -41.36
N ASN C 199 22.11 -14.20 -41.40
CA ASN C 199 20.73 -14.19 -41.88
C ASN C 199 19.78 -14.33 -40.69
N VAL C 200 18.48 -14.35 -40.98
CA VAL C 200 17.48 -14.37 -39.92
C VAL C 200 17.58 -15.64 -39.10
N ALA C 201 17.66 -16.79 -39.77
CA ALA C 201 17.73 -18.05 -39.04
C ALA C 201 18.98 -18.12 -38.16
N ASN C 202 20.11 -17.64 -38.69
CA ASN C 202 21.32 -17.63 -37.89
C ASN C 202 21.20 -16.67 -36.72
N TYR C 203 20.51 -15.55 -36.89
CA TYR C 203 20.32 -14.63 -35.74
C TYR C 203 19.53 -15.33 -34.62
N LEU C 204 18.54 -16.15 -34.98
CA LEU C 204 17.73 -16.89 -33.98
C LEU C 204 18.57 -17.97 -33.30
N ILE C 205 19.41 -18.69 -34.06
CA ILE C 205 20.32 -19.73 -33.49
C ILE C 205 21.32 -19.05 -32.55
N GLY C 206 21.82 -17.86 -32.92
CA GLY C 206 22.76 -17.12 -32.07
C GLY C 206 22.12 -16.63 -30.78
N SER C 207 20.85 -16.22 -30.84
CA SER C 207 20.12 -15.79 -29.61
C SER C 207 19.86 -16.99 -28.70
N LEU C 208 19.59 -18.17 -29.28
CA LEU C 208 19.44 -19.39 -28.44
C LEU C 208 20.75 -19.61 -27.69
N ALA C 209 21.89 -19.41 -28.35
CA ALA C 209 23.21 -19.59 -27.72
C ALA C 209 23.42 -18.59 -26.58
N VAL C 210 23.00 -17.33 -26.74
CA VAL C 210 23.12 -16.30 -25.65
C VAL C 210 22.22 -16.71 -24.49
N THR C 211 20.99 -17.14 -24.75
CA THR C 211 20.06 -17.57 -23.66
C THR C 211 20.69 -18.71 -22.86
N ASP C 212 21.32 -19.67 -23.55
CA ASP C 212 21.91 -20.85 -22.85
C ASP C 212 23.21 -20.46 -22.16
N LEU C 213 23.90 -19.41 -22.62
CA LEU C 213 25.13 -18.93 -21.94
C LEU C 213 24.73 -18.30 -20.60
N MET C 214 23.59 -17.60 -20.56
CA MET C 214 23.10 -17.01 -19.28
C MET C 214 22.78 -18.14 -18.29
N VAL C 215 22.18 -19.24 -18.75
CA VAL C 215 21.90 -20.39 -17.86
C VAL C 215 23.22 -20.99 -17.38
N SER C 216 24.21 -21.13 -18.27
CA SER C 216 25.49 -21.79 -17.89
C SER C 216 26.36 -20.87 -17.03
N VAL C 217 26.00 -19.58 -16.89
CA VAL C 217 26.86 -18.62 -16.15
C VAL C 217 26.21 -18.22 -14.81
N LEU C 218 24.88 -18.07 -14.78
CA LEU C 218 24.23 -17.56 -13.54
C LEU C 218 23.47 -18.65 -12.80
N VAL C 219 22.97 -19.68 -13.49
CA VAL C 219 22.09 -20.69 -12.82
C VAL C 219 22.83 -22.01 -12.59
N LEU C 220 23.46 -22.57 -13.64
CA LEU C 220 24.09 -23.93 -13.51
C LEU C 220 25.08 -24.01 -12.33
N PRO C 221 26.07 -23.10 -12.14
CA PRO C 221 27.02 -23.25 -11.01
C PRO C 221 26.33 -23.21 -9.65
N MET C 222 25.20 -22.53 -9.54
CA MET C 222 24.46 -22.41 -8.25
C MET C 222 23.64 -23.69 -8.01
N ALA C 223 23.15 -24.34 -9.08
CA ALA C 223 22.41 -25.63 -8.97
C ALA C 223 23.42 -26.70 -8.52
N ALA C 224 24.66 -26.67 -9.02
CA ALA C 224 25.74 -27.62 -8.64
C ALA C 224 26.13 -27.35 -7.18
N LEU C 225 26.15 -26.08 -6.75
CA LEU C 225 26.46 -25.71 -5.33
C LEU C 225 25.40 -26.34 -4.42
N TYR C 226 24.11 -26.25 -4.79
CA TYR C 226 22.99 -26.80 -3.98
C TYR C 226 23.01 -28.34 -4.07
N GLN C 227 23.59 -28.91 -5.13
CA GLN C 227 23.64 -30.39 -5.34
C GLN C 227 24.78 -31.01 -4.51
N VAL C 228 25.90 -30.31 -4.33
CA VAL C 228 27.11 -30.86 -3.61
C VAL C 228 27.00 -30.59 -2.10
N LEU C 229 26.39 -29.46 -1.69
CA LEU C 229 26.19 -29.12 -0.25
C LEU C 229 24.87 -29.74 0.23
N ASN C 230 23.94 -30.06 -0.69
CA ASN C 230 22.60 -30.61 -0.34
C ASN C 230 21.89 -29.60 0.57
N LYS C 231 22.18 -28.30 0.44
CA LYS C 231 21.55 -27.25 1.24
C LYS C 231 21.85 -25.90 0.59
N TRP C 232 21.06 -24.89 0.98
CA TRP C 232 21.27 -23.52 0.45
C TRP C 232 21.98 -22.68 1.52
N THR C 233 23.20 -22.17 1.24
CA THR C 233 24.03 -21.41 2.23
C THR C 233 24.25 -19.98 1.72
N LEU C 234 23.20 -19.30 1.23
CA LEU C 234 23.31 -17.91 0.67
C LEU C 234 22.28 -16.98 1.33
N GLY C 235 20.98 -17.32 1.36
CA GLY C 235 19.94 -16.48 2.00
C GLY C 235 18.59 -16.62 1.31
N GLN C 236 17.51 -16.12 1.95
CA GLN C 236 16.19 -16.29 1.39
C GLN C 236 16.00 -15.48 0.11
N VAL C 237 16.53 -14.25 0.15
CA VAL C 237 16.45 -13.33 -1.03
C VAL C 237 17.35 -13.86 -2.15
N THR C 238 18.54 -14.37 -1.83
CA THR C 238 19.40 -14.97 -2.88
C THR C 238 18.65 -16.16 -3.49
N CYS C 239 18.00 -17.00 -2.67
CA CYS C 239 17.19 -18.13 -3.19
C CYS C 239 16.06 -17.57 -4.07
N ASP C 240 15.36 -16.53 -3.62
CA ASP C 240 14.22 -15.96 -4.39
C ASP C 240 14.71 -15.42 -5.74
N LEU C 241 15.83 -14.68 -5.74
CA LEU C 241 16.39 -14.12 -6.99
C LEU C 241 16.75 -15.27 -7.94
N PHE C 242 17.39 -16.34 -7.47
CA PHE C 242 17.88 -17.43 -8.37
C PHE C 242 16.72 -18.32 -8.85
N ILE C 243 15.65 -18.50 -8.08
CA ILE C 243 14.45 -19.28 -8.53
C ILE C 243 13.83 -18.51 -9.71
N ALA C 244 13.67 -17.19 -9.59
CA ALA C 244 13.10 -16.33 -10.67
C ALA C 244 14.00 -16.40 -11.90
N LEU C 245 15.33 -16.32 -11.73
CA LEU C 245 16.31 -16.36 -12.86
C LEU C 245 16.22 -17.74 -13.53
N ASP C 246 16.09 -18.81 -12.75
CA ASP C 246 16.05 -20.20 -13.28
C ASP C 246 14.83 -20.31 -14.21
N VAL C 247 13.65 -19.90 -13.74
CA VAL C 247 12.38 -20.02 -14.54
C VAL C 247 12.46 -19.07 -15.75
N LEU C 248 13.02 -17.86 -15.58
CA LEU C 248 13.09 -16.84 -16.68
C LEU C 248 13.97 -17.38 -17.83
N CYS C 249 15.13 -17.97 -17.53
CA CYS C 249 16.10 -18.42 -18.57
C CYS C 249 15.75 -19.83 -19.06
N CYS C 250 14.89 -20.59 -18.35
CA CYS C 250 14.45 -21.96 -18.77
C CYS C 250 13.18 -21.83 -19.62
N THR C 251 12.34 -20.81 -19.40
CA THR C 251 11.11 -20.57 -20.21
C THR C 251 11.57 -20.02 -21.56
N SER C 252 12.55 -19.10 -21.58
CA SER C 252 13.04 -18.45 -22.81
C SER C 252 13.71 -19.47 -23.73
N SER C 253 14.50 -20.39 -23.17
CA SER C 253 15.22 -21.40 -23.99
C SER C 253 14.20 -22.28 -24.74
N ILE C 254 13.15 -22.75 -24.05
CA ILE C 254 12.11 -23.62 -24.68
C ILE C 254 11.37 -22.84 -25.77
N TRP C 255 11.06 -21.56 -25.52
CA TRP C 255 10.29 -20.75 -26.50
C TRP C 255 11.18 -20.32 -27.67
N HIS C 256 12.51 -20.35 -27.53
CA HIS C 256 13.40 -20.05 -28.68
C HIS C 256 13.31 -21.22 -29.66
N LEU C 257 13.31 -22.45 -29.14
CA LEU C 257 13.17 -23.65 -30.02
C LEU C 257 11.83 -23.56 -30.74
N CYS C 258 10.84 -22.91 -30.13
CA CYS C 258 9.52 -22.73 -30.79
C CYS C 258 9.60 -21.59 -31.79
N ALA C 259 10.27 -20.48 -31.46
CA ALA C 259 10.44 -19.45 -32.47
C ALA C 259 11.18 -19.97 -33.68
N ILE C 260 12.23 -20.77 -33.50
CA ILE C 260 13.01 -21.37 -34.63
C ILE C 260 12.02 -22.16 -35.51
N ALA C 261 11.17 -23.01 -34.91
CA ALA C 261 10.22 -23.89 -35.65
C ALA C 261 9.18 -23.06 -36.42
N LEU C 262 8.65 -21.98 -35.82
CA LEU C 262 7.55 -21.17 -36.44
C LEU C 262 8.10 -20.44 -37.67
N ASP C 263 9.33 -19.91 -37.61
CA ASP C 263 9.96 -19.19 -38.74
C ASP C 263 10.18 -20.19 -39.89
N ARG C 264 10.63 -21.42 -39.57
CA ARG C 264 10.88 -22.48 -40.60
C ARG C 264 9.54 -22.84 -41.26
N TYR C 265 8.47 -22.98 -40.49
CA TYR C 265 7.12 -23.34 -41.02
C TYR C 265 6.67 -22.28 -42.03
N TRP C 266 6.84 -20.99 -41.71
CA TRP C 266 6.38 -19.87 -42.59
C TRP C 266 7.24 -19.80 -43.87
N ALA C 267 8.53 -20.15 -43.80
CA ALA C 267 9.46 -20.09 -44.97
C ALA C 267 9.13 -21.21 -45.96
N ILE C 268 8.76 -22.40 -45.48
CA ILE C 268 8.46 -23.59 -46.35
C ILE C 268 7.02 -23.47 -46.88
N THR C 269 6.06 -23.02 -46.05
CA THR C 269 4.62 -22.95 -46.44
C THR C 269 4.37 -21.70 -47.31
N ASP C 270 5.07 -20.59 -47.06
CA ASP C 270 4.86 -19.30 -47.79
C ASP C 270 6.19 -18.81 -48.39
N PRO C 271 6.54 -19.12 -49.67
CA PRO C 271 7.76 -18.56 -50.27
C PRO C 271 7.67 -17.04 -50.48
N ILE C 272 6.45 -16.51 -50.65
CA ILE C 272 6.26 -15.04 -50.88
C ILE C 272 6.73 -14.28 -49.64
N ASP C 273 6.30 -14.71 -48.45
CA ASP C 273 6.74 -14.07 -47.19
C ASP C 273 8.27 -14.10 -47.12
N TYR C 274 8.88 -15.21 -47.54
CA TYR C 274 10.36 -15.35 -47.50
C TYR C 274 11.05 -14.36 -48.44
N VAL C 275 10.41 -13.98 -49.55
CA VAL C 275 11.10 -13.12 -50.56
C VAL C 275 10.79 -11.63 -50.37
N ASN C 276 9.55 -11.27 -50.02
CA ASN C 276 9.18 -9.82 -49.97
C ASN C 276 9.18 -9.24 -48.55
N LYS C 277 8.83 -10.01 -47.52
CA LYS C 277 8.69 -9.39 -46.16
C LYS C 277 9.69 -9.95 -45.13
N ARG C 278 10.56 -10.90 -45.49
CA ARG C 278 11.47 -11.48 -44.45
C ARG C 278 12.63 -10.52 -44.22
N THR C 279 12.90 -10.16 -42.96
CA THR C 279 13.94 -9.18 -42.66
C THR C 279 14.44 -9.43 -41.26
N PRO C 280 15.67 -8.99 -40.93
CA PRO C 280 16.18 -9.17 -39.57
C PRO C 280 15.25 -8.66 -38.48
N ARG C 281 14.39 -7.72 -38.81
CA ARG C 281 13.37 -7.28 -37.87
C ARG C 281 12.50 -8.44 -37.40
N ARG C 282 12.26 -9.42 -38.28
CA ARG C 282 11.47 -10.57 -37.87
C ARG C 282 12.18 -11.38 -36.79
N ALA C 283 13.50 -11.55 -36.93
CA ALA C 283 14.28 -12.18 -35.87
C ALA C 283 14.17 -11.39 -34.59
N ALA C 284 14.26 -10.05 -34.69
CA ALA C 284 14.11 -9.22 -33.50
C ALA C 284 12.76 -9.41 -32.84
N ALA C 285 11.69 -9.46 -33.64
CA ALA C 285 10.35 -9.63 -33.09
C ALA C 285 10.22 -10.97 -32.37
N LEU C 286 10.76 -12.04 -32.97
CA LEU C 286 10.65 -13.34 -32.33
C LEU C 286 11.45 -13.41 -31.04
N ILE C 287 12.63 -12.79 -31.03
CA ILE C 287 13.47 -12.77 -29.80
C ILE C 287 12.72 -12.00 -28.70
N SER C 288 12.08 -10.87 -29.03
CA SER C 288 11.32 -10.12 -28.05
C SER C 288 10.10 -10.90 -27.56
N LEU C 289 9.43 -11.59 -28.47
CA LEU C 289 8.24 -12.40 -28.08
C LEU C 289 8.70 -13.44 -27.06
N THR C 290 9.81 -14.13 -27.34
CA THR C 290 10.33 -15.19 -26.45
C THR C 290 10.60 -14.64 -25.05
N TRP C 291 11.26 -13.49 -24.95
CA TRP C 291 11.64 -12.92 -23.62
C TRP C 291 10.40 -12.38 -22.88
N LEU C 292 9.45 -11.76 -23.58
CA LEU C 292 8.20 -11.28 -22.93
C LEU C 292 7.44 -12.47 -22.33
N ILE C 293 7.34 -13.59 -23.04
CA ILE C 293 6.67 -14.80 -22.48
C ILE C 293 7.48 -15.25 -21.25
N GLY C 294 8.81 -15.25 -21.35
CA GLY C 294 9.66 -15.64 -20.20
C GLY C 294 9.41 -14.78 -18.99
N PHE C 295 9.40 -13.45 -19.15
CA PHE C 295 9.12 -12.53 -18.02
C PHE C 295 7.72 -12.78 -17.48
N LEU C 296 6.72 -12.95 -18.34
CA LEU C 296 5.30 -13.11 -17.90
C LEU C 296 5.19 -14.29 -16.91
N ILE C 297 6.00 -15.35 -17.06
CA ILE C 297 5.83 -16.58 -16.21
C ILE C 297 6.91 -16.63 -15.12
N SER C 298 7.65 -15.52 -14.89
CA SER C 298 8.79 -15.61 -13.93
C SER C 298 8.74 -14.51 -12.87
N ILE C 299 9.11 -13.27 -13.22
CA ILE C 299 9.20 -12.18 -12.20
C ILE C 299 7.81 -11.85 -11.62
N PRO C 300 6.77 -11.48 -12.41
CA PRO C 300 5.46 -11.04 -11.87
C PRO C 300 4.81 -11.95 -10.81
N PRO C 301 4.78 -13.30 -10.92
CA PRO C 301 4.16 -14.10 -9.88
C PRO C 301 5.05 -14.22 -8.63
N MET C 302 6.22 -13.53 -8.61
CA MET C 302 7.14 -13.65 -7.46
C MET C 302 7.43 -12.24 -6.90
N LEU C 303 6.73 -11.24 -7.41
CA LEU C 303 6.91 -9.84 -6.94
C LEU C 303 5.84 -9.54 -5.90
N GLY C 304 4.61 -10.05 -6.09
CA GLY C 304 3.50 -9.67 -5.19
C GLY C 304 2.91 -10.82 -4.38
N TRP C 305 3.46 -12.03 -4.50
CA TRP C 305 2.96 -13.17 -3.68
C TRP C 305 4.12 -13.77 -2.87
N ARG C 306 4.92 -12.93 -2.21
CA ARG C 306 6.09 -13.41 -1.44
C ARG C 306 5.73 -13.50 0.05
N THR C 307 6.05 -14.63 0.69
CA THR C 307 5.72 -14.83 2.12
C THR C 307 6.61 -13.98 3.02
N PRO C 308 6.08 -13.38 4.11
CA PRO C 308 6.92 -12.63 5.05
C PRO C 308 7.59 -13.52 6.10
N GLU C 309 8.27 -12.90 7.08
CA GLU C 309 8.95 -13.66 8.17
C GLU C 309 9.88 -14.71 7.57
N ASP C 310 10.67 -14.32 6.56
CA ASP C 310 11.59 -15.26 5.88
C ASP C 310 10.82 -16.53 5.50
N ARG C 311 11.28 -17.70 5.97
CA ARG C 311 10.60 -18.98 5.65
C ARG C 311 11.02 -20.05 6.65
N SER C 312 10.65 -21.31 6.39
CA SER C 312 11.05 -22.42 7.29
C SER C 312 12.18 -23.22 6.63
N ASP C 313 13.02 -23.89 7.44
CA ASP C 313 14.15 -24.69 6.91
C ASP C 313 15.02 -23.83 5.97
N PRO C 314 15.85 -22.90 6.51
CA PRO C 314 16.72 -22.09 5.66
C PRO C 314 17.66 -22.95 4.80
N ASP C 315 17.71 -24.26 5.07
CA ASP C 315 18.61 -25.17 4.31
C ASP C 315 17.85 -25.78 3.13
N ALA C 316 16.91 -25.05 2.54
CA ALA C 316 16.17 -25.55 1.37
C ALA C 316 15.79 -24.39 0.44
N CYS C 317 15.76 -24.64 -0.87
CA CYS C 317 15.39 -23.60 -1.86
C CYS C 317 14.63 -24.28 -2.99
N THR C 318 13.34 -24.55 -2.80
CA THR C 318 12.55 -25.26 -3.85
C THR C 318 11.50 -24.31 -4.43
N ILE C 319 10.91 -24.68 -5.59
CA ILE C 319 9.93 -23.82 -6.23
C ILE C 319 8.60 -23.92 -5.48
N SER C 320 7.82 -22.84 -5.59
CA SER C 320 6.52 -22.79 -4.93
C SER C 320 5.62 -23.89 -5.45
N LYS C 321 4.80 -24.45 -4.54
CA LYS C 321 4.02 -25.65 -4.84
C LYS C 321 2.52 -25.39 -4.87
N ASP C 322 2.11 -24.15 -5.12
CA ASP C 322 0.69 -23.84 -5.25
C ASP C 322 0.12 -24.52 -6.49
N HIS C 323 -1.11 -25.03 -6.37
CA HIS C 323 -1.77 -25.67 -7.51
C HIS C 323 -1.96 -24.69 -8.66
N GLY C 324 -2.48 -23.51 -8.36
CA GLY C 324 -2.66 -22.52 -9.40
C GLY C 324 -1.35 -22.16 -10.06
N TYR C 325 -0.31 -21.94 -9.25
CA TYR C 325 0.99 -21.64 -9.81
C TYR C 325 1.56 -22.82 -10.57
N THR C 326 1.35 -24.03 -10.08
CA THR C 326 1.83 -25.21 -10.81
C THR C 326 1.25 -25.26 -12.20
N ILE C 327 -0.08 -25.16 -12.31
CA ILE C 327 -0.72 -25.21 -13.60
C ILE C 327 -0.24 -24.06 -14.47
N TYR C 328 -0.24 -22.84 -13.92
CA TYR C 328 0.14 -21.59 -14.63
C TYR C 328 1.56 -21.69 -15.21
N SER C 329 2.54 -22.18 -14.43
CA SER C 329 3.92 -22.27 -14.91
C SER C 329 4.09 -23.41 -15.89
N THR C 330 3.64 -24.62 -15.53
CA THR C 330 3.90 -25.76 -16.40
C THR C 330 3.14 -25.68 -17.72
N PHE C 331 2.04 -24.92 -17.76
CA PHE C 331 1.33 -24.80 -19.03
C PHE C 331 1.87 -23.65 -19.87
N GLY C 332 2.25 -22.54 -19.25
CA GLY C 332 2.84 -21.47 -20.03
C GLY C 332 4.28 -21.70 -20.42
N ALA C 333 4.93 -22.72 -19.87
CA ALA C 333 6.38 -22.88 -20.14
C ALA C 333 6.70 -24.13 -20.96
N PHE C 334 5.96 -25.24 -20.80
CA PHE C 334 6.38 -26.40 -21.57
C PHE C 334 5.27 -27.02 -22.41
N TYR C 335 4.07 -27.18 -21.87
CA TYR C 335 3.07 -27.99 -22.55
C TYR C 335 2.56 -27.30 -23.81
N ILE C 336 2.21 -26.02 -23.70
CA ILE C 336 1.78 -25.27 -24.88
C ILE C 336 2.89 -25.19 -25.93
N PRO C 337 4.17 -24.81 -25.60
CA PRO C 337 5.25 -24.88 -26.58
C PRO C 337 5.39 -26.29 -27.18
N LEU C 338 5.23 -27.33 -26.35
CA LEU C 338 5.37 -28.69 -26.85
C LEU C 338 4.33 -28.99 -27.92
N LEU C 339 3.07 -28.62 -27.65
CA LEU C 339 2.02 -28.84 -28.63
C LEU C 339 2.27 -28.04 -29.90
N LEU C 340 2.70 -26.79 -29.75
CA LEU C 340 2.99 -25.97 -30.93
C LEU C 340 4.12 -26.58 -31.75
N MET C 341 5.13 -27.11 -31.08
CA MET C 341 6.28 -27.68 -31.85
C MET C 341 5.85 -28.99 -32.50
N LEU C 342 4.93 -29.75 -31.90
CA LEU C 342 4.45 -30.95 -32.56
C LEU C 342 3.65 -30.61 -33.81
N VAL C 343 2.73 -29.65 -33.70
CA VAL C 343 1.91 -29.30 -34.87
C VAL C 343 2.78 -28.74 -35.99
N LEU C 344 3.63 -27.77 -35.65
CA LEU C 344 4.49 -27.08 -36.67
C LEU C 344 5.39 -28.11 -37.36
N TYR C 345 6.03 -29.03 -36.62
CA TYR C 345 6.96 -29.95 -37.25
C TYR C 345 6.23 -31.05 -37.99
N GLY C 346 5.01 -31.41 -37.57
CA GLY C 346 4.20 -32.30 -38.39
C GLY C 346 3.84 -31.69 -39.73
N ARG C 347 3.54 -30.38 -39.75
CA ARG C 347 3.22 -29.65 -41.00
C ARG C 347 4.50 -29.48 -41.83
N ILE C 348 5.68 -29.47 -41.19
CA ILE C 348 7.00 -29.35 -41.88
C ILE C 348 7.33 -30.71 -42.49
N PHE C 349 6.93 -31.82 -41.85
CA PHE C 349 7.13 -33.16 -42.39
C PHE C 349 6.20 -33.42 -43.56
N ARG C 350 4.93 -33.02 -43.44
CA ARG C 350 3.99 -33.23 -44.53
C ARG C 350 4.46 -32.51 -45.79
N ALA C 351 4.83 -31.24 -45.67
CA ALA C 351 5.24 -30.47 -46.84
C ALA C 351 6.53 -31.03 -47.44
N ALA C 352 7.47 -31.43 -46.58
CA ALA C 352 8.73 -31.97 -47.08
C ALA C 352 8.50 -33.28 -47.82
N ARG C 353 7.66 -34.15 -47.28
CA ARG C 353 7.33 -35.39 -47.97
C ARG C 353 6.66 -35.10 -49.30
N PHE C 354 5.75 -34.12 -49.33
CA PHE C 354 5.11 -33.76 -50.58
C PHE C 354 6.13 -33.28 -51.62
N ARG C 355 7.08 -32.45 -51.20
CA ARG C 355 8.10 -31.97 -52.13
C ARG C 355 8.98 -33.11 -52.64
N ILE C 356 9.42 -33.99 -51.73
CA ILE C 356 10.36 -35.04 -52.12
C ILE C 356 9.69 -36.04 -53.04
N ARG C 357 8.46 -36.43 -52.72
CA ARG C 357 7.74 -37.37 -53.58
C ARG C 357 7.49 -36.77 -54.95
N LYS C 358 7.14 -35.50 -55.01
CA LYS C 358 6.90 -34.83 -56.29
C LYS C 358 8.18 -34.21 -56.82
N GLU C 460 15.03 -45.99 -61.74
CA GLU C 460 15.89 -46.76 -60.80
C GLU C 460 16.70 -45.79 -59.94
N ALA C 461 17.48 -44.90 -60.58
CA ALA C 461 18.25 -43.88 -59.82
C ALA C 461 17.27 -42.95 -59.11
N LYS C 462 16.15 -42.62 -59.77
CA LYS C 462 15.14 -41.69 -59.18
C LYS C 462 14.59 -42.25 -57.87
N ARG C 463 14.14 -43.51 -57.88
CA ARG C 463 13.53 -44.10 -56.65
C ARG C 463 14.60 -44.30 -55.57
N LYS C 464 15.85 -44.58 -55.96
CA LYS C 464 16.94 -44.71 -54.96
C LYS C 464 17.15 -43.36 -54.27
N MET C 465 17.23 -42.27 -55.05
CA MET C 465 17.40 -40.91 -54.46
C MET C 465 16.18 -40.58 -53.59
N ALA C 466 14.97 -40.83 -54.10
CA ALA C 466 13.74 -40.48 -53.35
C ALA C 466 13.73 -41.18 -51.99
N LEU C 467 14.00 -42.48 -51.96
CA LEU C 467 13.95 -43.26 -50.70
C LEU C 467 15.00 -42.73 -49.72
N ALA C 468 16.22 -42.47 -50.21
CA ALA C 468 17.31 -41.98 -49.34
C ALA C 468 16.94 -40.62 -48.75
N ARG C 469 16.32 -39.75 -49.56
CA ARG C 469 15.95 -38.40 -49.07
C ARG C 469 14.90 -38.52 -47.96
N GLU C 470 13.94 -39.42 -48.11
CA GLU C 470 12.90 -39.63 -47.05
C GLU C 470 13.58 -40.11 -45.76
N ARG C 471 14.60 -40.96 -45.87
CA ARG C 471 15.31 -41.48 -44.68
C ARG C 471 16.05 -40.34 -43.96
N LYS C 472 16.46 -39.29 -44.68
CA LYS C 472 17.20 -38.16 -44.07
C LYS C 472 16.21 -37.10 -43.53
N THR C 473 14.96 -37.10 -44.01
CA THR C 473 13.95 -36.15 -43.45
C THR C 473 13.33 -36.73 -42.17
N VAL C 474 13.47 -38.03 -41.94
CA VAL C 474 12.94 -38.68 -40.71
C VAL C 474 14.01 -38.58 -39.60
N LYS C 475 15.29 -38.58 -39.98
CA LYS C 475 16.39 -38.53 -38.98
C LYS C 475 16.45 -37.14 -38.31
N THR C 476 16.40 -36.05 -39.08
CA THR C 476 16.54 -34.71 -38.52
C THR C 476 15.39 -34.38 -37.57
N LEU C 477 14.15 -34.61 -38.01
CA LEU C 477 13.00 -34.31 -37.16
C LEU C 477 12.99 -35.17 -35.91
N GLY C 478 13.34 -36.45 -36.05
CA GLY C 478 13.44 -37.31 -34.90
C GLY C 478 14.51 -36.84 -33.94
N ILE C 479 15.64 -36.36 -34.47
CA ILE C 479 16.70 -35.84 -33.61
C ILE C 479 16.19 -34.65 -32.80
N ILE C 480 15.54 -33.70 -33.48
CA ILE C 480 15.09 -32.50 -32.79
C ILE C 480 14.05 -32.83 -31.72
N MET C 481 13.02 -33.59 -32.11
CA MET C 481 11.98 -33.95 -31.15
C MET C 481 12.51 -34.81 -30.03
N GLY C 482 13.38 -35.77 -30.33
CA GLY C 482 13.93 -36.61 -29.28
C GLY C 482 14.77 -35.83 -28.29
N THR C 483 15.60 -34.92 -28.79
CA THR C 483 16.37 -34.06 -27.90
C THR C 483 15.44 -33.28 -26.98
N PHE C 484 14.47 -32.57 -27.55
CA PHE C 484 13.58 -31.71 -26.72
C PHE C 484 12.77 -32.57 -25.74
N ILE C 485 12.29 -33.74 -26.16
CA ILE C 485 11.47 -34.57 -25.29
C ILE C 485 12.32 -35.13 -24.16
N LEU C 486 13.37 -35.90 -24.51
CA LEU C 486 14.19 -36.53 -23.49
C LEU C 486 14.88 -35.51 -22.60
N CYS C 487 14.98 -34.26 -23.02
CA CYS C 487 15.53 -33.26 -22.11
C CYS C 487 14.48 -32.77 -21.13
N TRP C 488 13.34 -32.25 -21.60
CA TRP C 488 12.42 -31.56 -20.66
C TRP C 488 11.15 -32.31 -20.27
N LEU C 489 10.67 -33.29 -21.04
CA LEU C 489 9.38 -33.89 -20.71
C LEU C 489 9.33 -34.53 -19.33
N PRO C 490 10.28 -35.38 -18.93
CA PRO C 490 10.17 -36.02 -17.60
C PRO C 490 10.09 -35.01 -16.47
N PHE C 491 10.87 -33.94 -16.54
CA PHE C 491 10.88 -32.97 -15.46
C PHE C 491 9.52 -32.31 -15.32
N PHE C 492 8.89 -31.97 -16.45
CA PHE C 492 7.60 -31.25 -16.40
C PHE C 492 6.47 -32.22 -16.03
N ILE C 493 6.60 -33.50 -16.38
CA ILE C 493 5.62 -34.48 -15.90
C ILE C 493 5.69 -34.61 -14.38
N VAL C 494 6.90 -34.69 -13.85
CA VAL C 494 7.04 -34.76 -12.39
C VAL C 494 6.54 -33.49 -11.74
N ALA C 495 6.89 -32.33 -12.29
CA ALA C 495 6.49 -31.06 -11.70
C ALA C 495 5.00 -30.83 -11.80
N LEU C 496 4.31 -31.53 -12.69
CA LEU C 496 2.86 -31.42 -12.75
C LEU C 496 2.14 -32.45 -11.88
N VAL C 497 2.75 -33.61 -11.67
CA VAL C 497 2.08 -34.66 -10.90
C VAL C 497 2.32 -34.49 -9.40
N LEU C 498 3.57 -34.25 -9.00
CA LEU C 498 3.91 -34.24 -7.57
C LEU C 498 3.10 -33.26 -6.75
N PRO C 499 2.96 -31.98 -7.11
CA PRO C 499 2.19 -31.07 -6.25
C PRO C 499 0.74 -31.50 -6.08
N PHE C 500 0.17 -32.19 -7.04
CA PHE C 500 -1.20 -32.63 -6.97
C PHE C 500 -1.38 -33.93 -6.20
N CYS C 501 -0.27 -34.59 -5.86
CA CYS C 501 -0.28 -35.80 -5.03
C CYS C 501 0.66 -35.54 -3.87
N GLU C 502 0.15 -34.89 -2.83
CA GLU C 502 1.00 -34.50 -1.70
C GLU C 502 1.50 -35.70 -0.92
N SER C 503 0.73 -36.79 -0.93
CA SER C 503 1.08 -38.00 -0.21
C SER C 503 1.09 -39.19 -1.16
N SER C 504 1.75 -40.26 -0.71
CA SER C 504 1.82 -41.54 -1.43
C SER C 504 2.54 -41.42 -2.77
N CYS C 505 3.35 -40.38 -2.95
CA CYS C 505 4.09 -40.19 -4.19
C CYS C 505 5.51 -39.71 -3.89
N HIS C 506 6.17 -40.36 -2.93
CA HIS C 506 7.53 -39.99 -2.58
C HIS C 506 8.47 -40.21 -3.76
N MET C 507 9.35 -39.24 -3.99
CA MET C 507 10.30 -39.27 -5.08
C MET C 507 11.70 -39.44 -4.53
N PRO C 508 12.42 -40.50 -4.88
CA PRO C 508 13.80 -40.64 -4.41
C PRO C 508 14.67 -39.48 -4.88
N THR C 509 15.59 -39.06 -4.02
CA THR C 509 16.40 -37.88 -4.32
C THR C 509 17.25 -38.09 -5.57
N LEU C 510 17.78 -39.30 -5.75
CA LEU C 510 18.64 -39.56 -6.89
C LEU C 510 17.89 -39.36 -8.20
N LEU C 511 16.67 -39.89 -8.29
CA LEU C 511 15.88 -39.72 -9.50
C LEU C 511 15.54 -38.25 -9.74
N GLY C 512 15.18 -37.54 -8.68
CA GLY C 512 14.87 -36.12 -8.84
C GLY C 512 16.05 -35.32 -9.37
N ALA C 513 17.24 -35.57 -8.81
CA ALA C 513 18.42 -34.88 -9.30
C ALA C 513 18.74 -35.26 -10.74
N ILE C 514 18.61 -36.55 -11.07
CA ILE C 514 18.89 -36.98 -12.44
C ILE C 514 17.95 -36.29 -13.41
N ILE C 515 16.68 -36.21 -13.07
CA ILE C 515 15.71 -35.58 -13.95
C ILE C 515 15.98 -34.08 -14.08
N ASN C 516 16.34 -33.44 -12.97
CA ASN C 516 16.64 -32.01 -13.03
C ASN C 516 17.81 -31.75 -13.95
N TRP C 517 18.86 -32.54 -13.84
CA TRP C 517 20.02 -32.30 -14.69
C TRP C 517 19.78 -32.73 -16.13
N LEU C 518 18.90 -33.71 -16.37
CA LEU C 518 18.47 -33.98 -17.72
C LEU C 518 17.78 -32.77 -18.32
N GLY C 519 16.93 -32.11 -17.54
CA GLY C 519 16.33 -30.87 -18.01
C GLY C 519 17.37 -29.81 -18.32
N TYR C 520 18.37 -29.70 -17.44
CA TYR C 520 19.45 -28.69 -17.57
C TYR C 520 20.33 -29.00 -18.79
N SER C 521 20.49 -30.25 -19.23
CA SER C 521 21.39 -30.61 -20.32
C SER C 521 20.94 -30.10 -21.69
N ASN C 522 19.68 -29.68 -21.81
CA ASN C 522 19.24 -29.11 -23.08
C ASN C 522 20.05 -27.88 -23.44
N SER C 523 20.57 -27.17 -22.44
CA SER C 523 21.39 -25.95 -22.67
C SER C 523 22.70 -26.32 -23.35
N LEU C 524 23.26 -27.49 -23.03
CA LEU C 524 24.45 -27.96 -23.73
C LEU C 524 24.12 -28.54 -25.08
N LEU C 525 23.01 -29.27 -25.19
CA LEU C 525 22.69 -29.97 -26.44
C LEU C 525 22.19 -29.04 -27.54
N ASN C 526 21.59 -27.91 -27.21
CA ASN C 526 21.01 -27.06 -28.25
C ASN C 526 22.03 -26.59 -29.29
N PRO C 527 23.19 -26.06 -28.91
CA PRO C 527 24.17 -25.67 -29.95
C PRO C 527 24.62 -26.84 -30.81
N VAL C 528 24.72 -28.05 -30.24
CA VAL C 528 25.12 -29.19 -31.05
C VAL C 528 24.04 -29.51 -32.08
N ILE C 529 22.78 -29.50 -31.67
CA ILE C 529 21.70 -29.87 -32.59
C ILE C 529 21.51 -28.81 -33.66
N TYR C 530 21.49 -27.53 -33.29
CA TYR C 530 21.11 -26.50 -34.24
C TYR C 530 22.28 -25.82 -34.93
N ALA C 531 23.48 -25.85 -34.34
CA ALA C 531 24.62 -25.14 -34.91
C ALA C 531 25.73 -26.08 -35.36
N TYR C 532 26.18 -26.98 -34.49
CA TYR C 532 27.36 -27.78 -34.80
C TYR C 532 27.10 -28.88 -35.81
N PHE C 533 25.93 -28.90 -36.45
CA PHE C 533 25.60 -29.94 -37.41
C PHE C 533 25.50 -29.45 -38.85
N ASN C 534 24.93 -28.27 -39.08
CA ASN C 534 24.79 -27.80 -40.46
C ASN C 534 26.15 -27.42 -41.02
N LYS C 535 26.24 -27.45 -42.35
CA LYS C 535 27.55 -27.32 -42.99
C LYS C 535 28.13 -25.92 -42.86
N ASP C 536 27.28 -24.91 -42.87
CA ASP C 536 27.77 -23.52 -42.85
C ASP C 536 28.58 -23.24 -41.60
N PHE C 537 28.06 -23.66 -40.44
CA PHE C 537 28.75 -23.41 -39.19
C PHE C 537 30.07 -24.19 -39.12
N GLN C 538 30.07 -25.42 -39.63
CA GLN C 538 31.30 -26.21 -39.64
C GLN C 538 32.35 -25.53 -40.50
N ASN C 539 31.95 -25.03 -41.68
CA ASN C 539 32.90 -24.34 -42.54
C ASN C 539 33.44 -23.08 -41.87
N ALA C 540 32.56 -22.31 -41.23
CA ALA C 540 33.01 -21.08 -40.56
C ALA C 540 33.97 -21.41 -39.42
N PHE C 541 33.67 -22.43 -38.62
CA PHE C 541 34.55 -22.80 -37.53
C PHE C 541 35.89 -23.29 -38.05
N LYS C 542 35.89 -24.04 -39.16
CA LYS C 542 37.14 -24.47 -39.76
C LYS C 542 37.96 -23.28 -40.24
N LYS C 543 37.30 -22.30 -40.85
CA LYS C 543 38.01 -21.12 -41.31
C LYS C 543 38.60 -20.33 -40.15
N ILE C 544 37.83 -20.17 -39.06
CA ILE C 544 38.33 -19.45 -37.90
C ILE C 544 39.51 -20.17 -37.28
N ILE C 545 39.38 -21.49 -37.11
CA ILE C 545 40.46 -22.29 -36.54
C ILE C 545 41.36 -22.79 -37.67
N LEU D 19 -11.83 23.61 53.83
CA LEU D 19 -12.81 24.63 53.39
C LEU D 19 -12.51 25.99 54.04
N LYS D 20 -12.35 26.03 55.36
CA LYS D 20 -12.17 27.33 56.05
C LYS D 20 -10.89 28.04 55.57
N MET D 21 -9.78 27.32 55.39
CA MET D 21 -8.50 27.98 55.02
C MET D 21 -8.57 28.51 53.58
N GLU D 22 -9.34 27.83 52.71
CA GLU D 22 -9.52 28.33 51.31
C GLU D 22 -10.28 29.66 51.36
N ALA D 23 -11.26 29.79 52.26
CA ALA D 23 -12.00 31.07 52.40
C ALA D 23 -11.12 32.10 53.12
N ASN D 24 -10.15 31.65 53.93
CA ASN D 24 -9.28 32.59 54.71
C ASN D 24 -8.36 33.38 53.77
N ILE D 25 -8.02 32.83 52.60
CA ILE D 25 -7.05 33.53 51.69
C ILE D 25 -7.60 34.90 51.31
N ASP D 26 -6.70 35.88 51.14
CA ASP D 26 -7.12 37.25 50.73
C ASP D 26 -7.31 37.29 49.21
N ARG D 27 -8.28 38.08 48.73
CA ARG D 27 -8.57 38.11 47.26
C ARG D 27 -8.52 39.54 46.73
N ILE D 28 -7.75 39.77 45.67
CA ILE D 28 -7.68 41.13 45.04
C ILE D 28 -8.95 41.32 44.20
N LYS D 29 -9.41 42.57 44.06
CA LYS D 29 -10.62 42.86 43.25
C LYS D 29 -10.30 42.59 41.78
N VAL D 30 -11.28 42.09 41.02
CA VAL D 30 -11.02 41.70 39.59
C VAL D 30 -10.45 42.89 38.80
N SER D 31 -10.56 44.12 39.31
CA SER D 31 -10.08 45.27 38.56
C SER D 31 -8.55 45.27 38.48
N LYS D 32 -7.88 45.08 39.62
CA LYS D 32 -6.42 45.06 39.62
C LYS D 32 -5.87 43.84 38.91
N ALA D 33 -6.55 42.70 39.01
CA ALA D 33 -6.13 41.54 38.24
C ALA D 33 -6.22 41.82 36.74
N ALA D 34 -7.30 42.48 36.31
CA ALA D 34 -7.44 42.87 34.92
C ALA D 34 -6.33 43.82 34.50
N ALA D 35 -6.02 44.80 35.36
CA ALA D 35 -4.96 45.76 35.03
C ALA D 35 -3.61 45.07 34.90
N ASP D 36 -3.36 44.10 35.80
CA ASP D 36 -2.08 43.34 35.75
C ASP D 36 -2.06 42.44 34.51
N LEU D 37 -3.19 41.80 34.17
CA LEU D 37 -3.26 40.93 32.97
C LEU D 37 -3.05 41.77 31.71
N MET D 38 -3.63 42.97 31.65
CA MET D 38 -3.41 43.88 30.49
C MET D 38 -1.94 44.31 30.48
N ALA D 39 -1.39 44.68 31.64
CA ALA D 39 0.01 45.17 31.72
C ALA D 39 0.95 44.09 31.16
N TYR D 40 0.77 42.84 31.60
CA TYR D 40 1.67 41.74 31.14
C TYR D 40 1.48 41.53 29.64
N CYS D 41 0.26 41.71 29.13
CA CYS D 41 0.03 41.40 27.72
C CYS D 41 0.61 42.48 26.83
N GLU D 42 0.43 43.75 27.19
CA GLU D 42 0.93 44.82 26.34
C GLU D 42 2.45 44.94 26.40
N ALA D 43 3.05 44.69 27.55
CA ALA D 43 4.50 44.84 27.69
C ALA D 43 5.25 43.79 26.89
N HIS D 44 4.70 42.58 26.78
CA HIS D 44 5.34 41.49 26.07
C HIS D 44 4.80 41.30 24.68
N ALA D 45 3.96 42.23 24.19
CA ALA D 45 3.33 42.05 22.91
C ALA D 45 4.33 42.08 21.76
N LYS D 46 5.36 42.91 21.88
CA LYS D 46 6.26 43.11 20.74
C LYS D 46 7.16 41.91 20.49
N GLU D 47 7.38 41.08 21.51
CA GLU D 47 8.32 39.93 21.38
C GLU D 47 7.54 38.61 21.19
N ASP D 48 6.28 38.68 20.79
CA ASP D 48 5.49 37.44 20.52
C ASP D 48 5.46 37.20 19.02
N PRO D 49 6.21 36.21 18.49
CA PRO D 49 6.24 35.93 17.05
C PRO D 49 4.87 35.54 16.49
N LEU D 50 4.02 34.94 17.31
CA LEU D 50 2.66 34.50 16.86
C LEU D 50 1.77 35.74 16.70
N LEU D 51 1.75 36.63 17.68
CA LEU D 51 0.88 37.84 17.63
C LEU D 51 1.34 38.73 16.48
N THR D 52 2.58 39.23 16.55
CA THR D 52 3.11 40.12 15.49
C THR D 52 3.82 39.27 14.43
N PRO D 53 3.28 39.13 13.20
CA PRO D 53 3.87 38.24 12.20
C PRO D 53 5.37 38.53 12.06
N VAL D 54 6.23 37.53 12.28
CA VAL D 54 7.73 37.69 12.29
C VAL D 54 8.27 37.51 10.86
N PRO D 55 9.39 38.19 10.46
CA PRO D 55 9.99 38.03 9.12
C PRO D 55 10.43 36.59 8.76
N ALA D 56 10.59 36.27 7.47
CA ALA D 56 11.05 34.94 7.00
C ALA D 56 12.55 34.81 7.30
N SER D 57 13.27 35.92 7.50
CA SER D 57 14.72 35.93 7.84
C SER D 57 14.91 35.30 9.23
N GLU D 58 13.92 35.45 10.13
CA GLU D 58 13.99 34.91 11.52
C GLU D 58 13.41 33.47 11.52
N ASN D 59 12.27 33.25 10.85
CA ASN D 59 11.61 31.92 10.78
C ASN D 59 12.71 30.84 10.63
N PRO D 60 12.93 29.92 11.61
CA PRO D 60 14.01 28.94 11.52
C PRO D 60 13.58 27.65 10.81
N PHE D 61 12.33 27.55 10.34
CA PHE D 61 11.78 26.34 9.66
C PHE D 61 11.82 26.56 8.14
N TYR E 165 -21.85 20.31 -41.46
CA TYR E 165 -22.14 19.09 -40.65
C TYR E 165 -20.83 18.45 -40.21
N GLN E 166 -19.71 18.88 -40.78
CA GLN E 166 -18.36 18.57 -40.20
C GLN E 166 -18.21 19.31 -38.88
N VAL E 167 -18.87 20.47 -38.74
CA VAL E 167 -18.86 21.25 -37.47
C VAL E 167 -19.60 20.47 -36.39
N ILE E 168 -20.80 19.95 -36.69
CA ILE E 168 -21.61 19.21 -35.68
C ILE E 168 -20.82 18.01 -35.14
N THR E 169 -20.30 17.16 -36.03
CA THR E 169 -19.52 15.97 -35.57
C THR E 169 -18.34 16.44 -34.72
N SER E 170 -17.66 17.52 -35.11
CA SER E 170 -16.41 17.93 -34.41
C SER E 170 -16.70 18.29 -32.96
N LEU E 171 -17.78 19.05 -32.68
CA LEU E 171 -18.03 19.51 -31.29
C LEU E 171 -18.59 18.35 -30.44
N LEU E 172 -19.35 17.44 -31.03
CA LEU E 172 -19.83 16.23 -30.32
C LEU E 172 -18.63 15.37 -29.90
N LEU E 173 -17.79 14.95 -30.86
CA LEU E 173 -16.63 14.08 -30.55
C LEU E 173 -15.66 14.85 -29.65
N GLY E 174 -15.54 16.16 -29.82
CA GLY E 174 -14.65 17.00 -29.00
C GLY E 174 -15.04 16.99 -27.53
N THR E 175 -16.34 17.12 -27.24
CA THR E 175 -16.84 17.09 -25.84
C THR E 175 -16.51 15.75 -25.18
N LEU E 176 -16.66 14.65 -25.93
CA LEU E 176 -16.37 13.29 -25.40
C LEU E 176 -14.89 13.19 -25.03
N ILE E 177 -14.00 13.72 -25.87
CA ILE E 177 -12.53 13.64 -25.61
C ILE E 177 -12.17 14.59 -24.46
N PHE E 178 -12.98 15.63 -24.25
CA PHE E 178 -12.73 16.54 -23.09
C PHE E 178 -13.19 15.89 -21.78
N CYS E 179 -14.44 15.42 -21.74
CA CYS E 179 -14.99 14.81 -20.49
C CYS E 179 -14.07 13.67 -20.04
N ALA E 180 -13.51 12.90 -20.97
CA ALA E 180 -12.64 11.76 -20.62
C ALA E 180 -11.31 12.24 -20.05
N VAL E 181 -10.66 13.20 -20.71
CA VAL E 181 -9.31 13.69 -20.26
C VAL E 181 -9.46 14.43 -18.93
N LEU E 182 -10.68 14.89 -18.60
CA LEU E 182 -10.93 15.61 -17.32
C LEU E 182 -11.30 14.59 -16.24
N GLY E 183 -12.25 13.69 -16.52
CA GLY E 183 -12.70 12.70 -15.52
C GLY E 183 -11.59 11.78 -15.09
N ASN E 184 -10.78 11.30 -16.03
CA ASN E 184 -9.70 10.32 -15.71
C ASN E 184 -8.55 11.03 -14.97
N ALA E 185 -8.35 12.32 -15.21
CA ALA E 185 -7.29 13.09 -14.51
C ALA E 185 -7.73 13.43 -13.09
N CYS E 186 -9.01 13.74 -12.88
CA CYS E 186 -9.54 14.04 -11.52
C CYS E 186 -9.39 12.81 -10.62
N VAL E 187 -9.65 11.61 -11.14
CA VAL E 187 -9.52 10.36 -10.34
C VAL E 187 -8.08 10.21 -9.85
N VAL E 188 -7.09 10.27 -10.75
CA VAL E 188 -5.67 10.04 -10.33
C VAL E 188 -5.23 11.15 -9.37
N ALA E 189 -5.68 12.39 -9.57
CA ALA E 189 -5.33 13.50 -8.67
C ALA E 189 -5.81 13.21 -7.24
N ALA E 190 -7.04 12.73 -7.09
CA ALA E 190 -7.61 12.47 -5.75
C ALA E 190 -6.77 11.41 -5.00
N ILE E 191 -6.40 10.32 -5.67
CA ILE E 191 -5.54 9.27 -5.05
C ILE E 191 -4.26 9.92 -4.53
N ALA E 192 -3.62 10.78 -5.34
CA ALA E 192 -2.34 11.41 -4.95
C ALA E 192 -2.55 12.41 -3.80
N LEU E 193 -3.63 13.20 -3.84
CA LEU E 193 -3.83 14.29 -2.84
C LEU E 193 -4.70 13.83 -1.66
N GLU E 194 -4.73 12.53 -1.35
CA GLU E 194 -5.48 12.03 -0.18
C GLU E 194 -4.76 10.79 0.37
N ARG E 195 -4.77 10.60 1.70
CA ARG E 195 -4.12 9.42 2.31
C ARG E 195 -5.21 8.41 2.71
N SER E 196 -6.48 8.78 2.59
CA SER E 196 -7.60 7.84 2.87
C SER E 196 -7.84 6.95 1.65
N LEU E 197 -7.26 7.31 0.50
CA LEU E 197 -7.47 6.54 -0.75
C LEU E 197 -6.16 5.88 -1.20
N GLN E 198 -5.38 5.35 -0.26
CA GLN E 198 -4.05 4.77 -0.63
C GLN E 198 -3.95 3.31 -0.18
N ASN E 199 -4.79 2.43 -0.72
CA ASN E 199 -4.76 0.97 -0.44
C ASN E 199 -4.54 0.21 -1.76
N VAL E 200 -4.23 -1.09 -1.68
CA VAL E 200 -3.92 -1.92 -2.88
C VAL E 200 -5.07 -1.84 -3.88
N ALA E 201 -6.30 -1.66 -3.41
CA ALA E 201 -7.50 -1.69 -4.28
C ALA E 201 -7.55 -0.44 -5.14
N ASN E 202 -7.30 0.74 -4.57
CA ASN E 202 -7.41 2.01 -5.31
C ASN E 202 -6.17 2.26 -6.19
N TYR E 203 -5.06 1.58 -5.92
CA TYR E 203 -3.87 1.67 -6.80
C TYR E 203 -4.19 1.04 -8.16
N LEU E 204 -5.11 0.07 -8.19
CA LEU E 204 -5.51 -0.57 -9.46
C LEU E 204 -6.58 0.26 -10.17
N ILE E 205 -7.36 1.04 -9.41
CA ILE E 205 -8.42 1.92 -10.01
C ILE E 205 -7.78 3.26 -10.41
N GLY E 206 -6.57 3.56 -9.94
CA GLY E 206 -5.78 4.65 -10.46
C GLY E 206 -5.01 4.28 -11.71
N SER E 207 -4.48 3.06 -11.76
CA SER E 207 -3.79 2.61 -12.97
C SER E 207 -4.75 2.52 -14.14
N LEU E 208 -5.96 2.01 -13.91
CA LEU E 208 -6.95 1.97 -14.98
C LEU E 208 -7.29 3.37 -15.46
N ALA E 209 -7.41 4.32 -14.52
CA ALA E 209 -7.68 5.70 -14.90
C ALA E 209 -6.54 6.26 -15.74
N VAL E 210 -5.30 5.93 -15.38
CA VAL E 210 -4.15 6.42 -16.16
C VAL E 210 -4.18 5.87 -17.57
N THR E 211 -4.49 4.58 -17.71
CA THR E 211 -4.54 3.99 -19.05
C THR E 211 -5.64 4.62 -19.88
N ASP E 212 -6.81 4.86 -19.29
CA ASP E 212 -7.86 5.56 -20.03
C ASP E 212 -7.46 6.98 -20.37
N LEU E 213 -6.69 7.64 -19.50
CA LEU E 213 -6.17 8.95 -19.83
C LEU E 213 -5.28 8.89 -21.07
N MET E 214 -4.39 7.90 -21.12
CA MET E 214 -3.52 7.75 -22.28
C MET E 214 -4.33 7.49 -23.54
N VAL E 215 -5.40 6.69 -23.43
CA VAL E 215 -6.28 6.48 -24.56
C VAL E 215 -6.89 7.80 -25.01
N SER E 216 -7.37 8.60 -24.05
CA SER E 216 -8.11 9.81 -24.36
C SER E 216 -7.23 10.94 -24.87
N VAL E 217 -5.93 10.92 -24.59
CA VAL E 217 -5.07 12.01 -25.00
C VAL E 217 -4.26 11.69 -26.26
N LEU E 218 -3.94 10.42 -26.50
CA LEU E 218 -3.00 10.04 -27.59
C LEU E 218 -3.76 9.46 -28.79
N VAL E 219 -4.63 8.48 -28.57
CA VAL E 219 -5.33 7.74 -29.65
C VAL E 219 -6.56 8.54 -30.10
N LEU E 220 -7.42 8.95 -29.17
CA LEU E 220 -8.76 9.53 -29.49
C LEU E 220 -8.65 10.82 -30.30
N PRO E 221 -7.80 11.83 -30.00
CA PRO E 221 -7.71 13.05 -30.84
C PRO E 221 -7.44 12.81 -32.33
N MET E 222 -6.69 11.75 -32.65
CA MET E 222 -6.24 11.45 -34.05
C MET E 222 -7.20 10.48 -34.73
N ALA E 223 -8.06 9.81 -33.97
CA ALA E 223 -9.19 9.03 -34.52
C ALA E 223 -10.30 9.98 -34.98
N ALA E 224 -10.43 11.13 -34.32
CA ALA E 224 -11.49 12.13 -34.60
C ALA E 224 -11.13 12.93 -35.86
N LEU E 225 -9.86 13.24 -36.09
CA LEU E 225 -9.42 13.86 -37.36
C LEU E 225 -9.74 12.93 -38.52
N TYR E 226 -9.53 11.62 -38.32
CA TYR E 226 -9.72 10.60 -39.38
C TYR E 226 -11.20 10.47 -39.72
N GLN E 227 -12.07 10.78 -38.77
CA GLN E 227 -13.52 10.63 -39.00
C GLN E 227 -14.07 11.90 -39.69
N VAL E 228 -13.69 13.09 -39.22
CA VAL E 228 -14.26 14.36 -39.77
C VAL E 228 -13.77 14.58 -41.20
N LEU E 229 -12.50 14.27 -41.51
CA LEU E 229 -11.94 14.53 -42.87
C LEU E 229 -12.21 13.33 -43.78
N ASN E 230 -12.52 12.16 -43.21
CA ASN E 230 -12.77 10.91 -44.00
C ASN E 230 -11.49 10.47 -44.73
N LYS E 231 -10.31 10.83 -44.20
CA LYS E 231 -9.03 10.41 -44.82
C LYS E 231 -7.83 10.69 -43.90
N TRP E 232 -6.85 9.78 -43.90
CA TRP E 232 -5.58 10.03 -43.16
C TRP E 232 -4.80 11.08 -43.95
N THR E 233 -4.50 12.22 -43.32
CA THR E 233 -3.76 13.31 -44.02
C THR E 233 -2.32 13.38 -43.47
N LEU E 234 -1.80 12.26 -42.96
CA LEU E 234 -0.44 12.26 -42.36
C LEU E 234 0.43 11.17 -43.01
N GLY E 235 1.64 10.95 -42.50
CA GLY E 235 2.57 9.97 -43.10
C GLY E 235 2.15 8.52 -42.85
N GLN E 236 2.68 7.60 -43.65
CA GLN E 236 2.37 6.15 -43.49
C GLN E 236 2.93 5.66 -42.15
N VAL E 237 4.10 6.16 -41.75
CA VAL E 237 4.70 5.76 -40.44
C VAL E 237 3.76 6.19 -39.31
N THR E 238 3.20 7.41 -39.37
CA THR E 238 2.25 7.89 -38.34
C THR E 238 1.13 6.87 -38.19
N CYS E 239 0.55 6.42 -39.30
CA CYS E 239 -0.55 5.43 -39.29
C CYS E 239 -0.12 4.17 -38.53
N ASP E 240 1.11 3.68 -38.75
CA ASP E 240 1.60 2.44 -38.12
C ASP E 240 1.74 2.60 -36.60
N LEU E 241 2.26 3.73 -36.14
CA LEU E 241 2.44 3.98 -34.69
C LEU E 241 1.06 4.10 -34.04
N PHE E 242 0.11 4.74 -34.71
CA PHE E 242 -1.21 4.98 -34.08
C PHE E 242 -2.03 3.70 -34.07
N ILE E 243 -1.87 2.84 -35.08
CA ILE E 243 -2.55 1.51 -35.04
C ILE E 243 -1.94 0.72 -33.88
N ALA E 244 -0.60 0.77 -33.76
CA ALA E 244 0.09 0.08 -32.64
C ALA E 244 -0.35 0.67 -31.30
N LEU E 245 -0.28 2.00 -31.16
CA LEU E 245 -0.70 2.64 -29.91
C LEU E 245 -2.13 2.31 -29.57
N ASP E 246 -3.03 2.32 -30.55
CA ASP E 246 -4.43 2.05 -30.29
C ASP E 246 -4.61 0.65 -29.73
N VAL E 247 -3.97 -0.34 -30.37
CA VAL E 247 -4.09 -1.72 -29.90
C VAL E 247 -3.54 -1.84 -28.49
N LEU E 248 -2.36 -1.27 -28.26
CA LEU E 248 -1.73 -1.36 -26.94
C LEU E 248 -2.63 -0.81 -25.85
N CYS E 249 -3.14 0.41 -26.05
CA CYS E 249 -3.92 1.06 -25.00
C CYS E 249 -5.22 0.31 -24.74
N CYS E 250 -5.92 -0.12 -25.80
CA CYS E 250 -7.19 -0.82 -25.58
C CYS E 250 -6.97 -2.14 -24.84
N THR E 251 -6.00 -2.94 -25.30
CA THR E 251 -5.74 -4.27 -24.70
C THR E 251 -5.41 -4.12 -23.21
N SER E 252 -4.53 -3.17 -22.87
CA SER E 252 -4.17 -2.92 -21.46
C SER E 252 -5.42 -2.50 -20.66
N SER E 253 -6.28 -1.66 -21.23
CA SER E 253 -7.53 -1.25 -20.53
C SER E 253 -8.39 -2.48 -20.21
N ILE E 254 -8.58 -3.40 -21.16
CA ILE E 254 -9.46 -4.59 -20.95
C ILE E 254 -8.83 -5.50 -19.87
N TRP E 255 -7.51 -5.67 -19.89
CA TRP E 255 -6.84 -6.55 -18.91
C TRP E 255 -6.76 -5.88 -17.53
N HIS E 256 -6.87 -4.55 -17.45
CA HIS E 256 -6.91 -3.86 -16.12
C HIS E 256 -8.24 -4.15 -15.45
N LEU E 257 -9.33 -4.21 -16.23
CA LEU E 257 -10.66 -4.56 -15.67
C LEU E 257 -10.61 -5.99 -15.12
N CYS E 258 -9.77 -6.84 -15.70
CA CYS E 258 -9.69 -8.28 -15.31
C CYS E 258 -8.78 -8.45 -14.09
N ALA E 259 -7.84 -7.53 -13.86
CA ALA E 259 -6.95 -7.58 -12.67
C ALA E 259 -7.72 -7.13 -11.43
N ILE E 260 -8.51 -6.06 -11.54
CA ILE E 260 -9.34 -5.54 -10.40
C ILE E 260 -10.28 -6.68 -9.95
N ALA E 261 -10.86 -7.41 -10.90
CA ALA E 261 -11.77 -8.55 -10.59
C ALA E 261 -11.03 -9.70 -9.93
N LEU E 262 -9.79 -9.96 -10.31
CA LEU E 262 -8.97 -11.06 -9.73
C LEU E 262 -8.62 -10.72 -8.28
N ASP E 263 -8.37 -9.44 -7.99
CA ASP E 263 -8.09 -8.99 -6.59
C ASP E 263 -9.37 -9.09 -5.76
N ARG E 264 -10.46 -8.46 -6.21
CA ARG E 264 -11.76 -8.55 -5.49
C ARG E 264 -12.07 -10.02 -5.16
N TYR E 265 -11.84 -10.91 -6.14
CA TYR E 265 -12.11 -12.36 -5.95
C TYR E 265 -11.39 -12.88 -4.71
N TRP E 266 -10.09 -12.60 -4.57
CA TRP E 266 -9.29 -13.22 -3.48
C TRP E 266 -9.49 -12.52 -2.11
N ALA E 267 -10.31 -11.46 -2.02
CA ALA E 267 -10.76 -10.91 -0.73
C ALA E 267 -11.87 -11.78 -0.13
N ILE E 268 -12.81 -12.25 -0.98
CA ILE E 268 -14.09 -12.84 -0.49
C ILE E 268 -13.86 -14.33 -0.25
N THR E 269 -12.80 -14.90 -0.83
CA THR E 269 -12.61 -16.38 -0.83
C THR E 269 -11.38 -16.77 0.01
N ASP E 270 -10.36 -15.91 0.04
CA ASP E 270 -9.10 -16.23 0.76
C ASP E 270 -8.84 -15.15 1.82
N PRO E 271 -9.39 -15.19 3.06
CA PRO E 271 -9.15 -14.12 4.02
C PRO E 271 -7.69 -14.10 4.49
N ILE E 272 -7.04 -15.27 4.52
CA ILE E 272 -5.62 -15.36 4.98
C ILE E 272 -4.73 -14.58 4.01
N ASP E 273 -4.91 -14.78 2.71
CA ASP E 273 -4.13 -14.02 1.69
C ASP E 273 -4.37 -12.53 1.89
N TYR E 274 -5.63 -12.14 2.15
CA TYR E 274 -5.96 -10.70 2.32
C TYR E 274 -5.17 -10.11 3.49
N VAL E 275 -5.02 -10.88 4.56
CA VAL E 275 -4.36 -10.38 5.82
C VAL E 275 -2.86 -10.65 5.87
N ASN E 276 -2.40 -11.89 5.66
CA ASN E 276 -0.97 -12.23 5.85
C ASN E 276 -0.06 -11.90 4.65
N LYS E 277 -0.58 -11.69 3.43
CA LYS E 277 0.36 -11.53 2.28
C LYS E 277 -0.12 -10.52 1.21
N ARG E 278 -1.03 -9.61 1.56
CA ARG E 278 -1.53 -8.63 0.55
C ARG E 278 -0.76 -7.32 0.69
N THR E 279 0.05 -6.99 -0.32
CA THR E 279 0.98 -5.82 -0.27
C THR E 279 0.62 -4.86 -1.40
N PRO E 280 1.01 -3.56 -1.33
CA PRO E 280 0.97 -2.66 -2.50
C PRO E 280 1.80 -3.22 -3.68
N ARG E 281 2.76 -4.10 -3.39
CA ARG E 281 3.56 -4.80 -4.43
C ARG E 281 2.64 -5.69 -5.29
N ARG E 282 1.58 -6.24 -4.69
CA ARG E 282 0.58 -7.04 -5.45
C ARG E 282 -0.02 -6.18 -6.57
N ALA E 283 -0.45 -4.94 -6.24
CA ALA E 283 -0.96 -4.00 -7.25
C ALA E 283 0.08 -3.85 -8.37
N ALA E 284 1.35 -3.62 -8.01
CA ALA E 284 2.41 -3.42 -9.00
C ALA E 284 2.49 -4.61 -9.95
N ALA E 285 2.42 -5.84 -9.40
CA ALA E 285 2.56 -7.10 -10.19
C ALA E 285 1.34 -7.30 -11.10
N LEU E 286 0.13 -7.00 -10.63
CA LEU E 286 -1.11 -7.12 -11.44
C LEU E 286 -1.02 -6.13 -12.61
N ILE E 287 -0.49 -4.92 -12.37
CA ILE E 287 -0.34 -3.85 -13.42
C ILE E 287 0.75 -4.29 -14.40
N SER E 288 1.85 -4.89 -13.92
CA SER E 288 2.99 -5.32 -14.78
C SER E 288 2.51 -6.41 -15.75
N LEU E 289 1.65 -7.33 -15.30
CA LEU E 289 1.13 -8.45 -16.15
C LEU E 289 0.20 -7.84 -17.20
N THR E 290 -0.63 -6.87 -16.83
CA THR E 290 -1.58 -6.19 -17.76
C THR E 290 -0.79 -5.55 -18.91
N TRP E 291 0.31 -4.85 -18.59
CA TRP E 291 1.14 -4.13 -19.62
C TRP E 291 2.02 -5.12 -20.40
N LEU E 292 2.44 -6.24 -19.81
CA LEU E 292 3.24 -7.29 -20.54
C LEU E 292 2.33 -7.94 -21.59
N ILE E 293 1.04 -8.14 -21.28
CA ILE E 293 0.06 -8.80 -22.21
C ILE E 293 -0.34 -7.77 -23.28
N GLY E 294 -0.24 -6.46 -23.00
CA GLY E 294 -0.49 -5.41 -24.02
C GLY E 294 0.62 -5.40 -25.06
N PHE E 295 1.91 -5.40 -24.67
CA PHE E 295 3.13 -5.34 -25.52
C PHE E 295 3.39 -6.70 -26.17
N LEU E 296 2.44 -7.63 -26.09
CA LEU E 296 2.60 -8.93 -26.78
C LEU E 296 1.66 -9.00 -27.98
N ILE E 297 0.55 -8.26 -27.93
CA ILE E 297 -0.51 -8.27 -28.98
C ILE E 297 -0.28 -7.07 -29.93
N SER E 298 0.49 -6.08 -29.52
CA SER E 298 0.67 -4.81 -30.27
C SER E 298 2.00 -4.77 -31.00
N ILE E 299 3.13 -4.86 -30.27
CA ILE E 299 4.45 -4.44 -30.84
C ILE E 299 5.25 -5.61 -31.44
N PRO E 300 5.17 -6.90 -30.99
CA PRO E 300 5.83 -8.00 -31.71
C PRO E 300 5.23 -8.15 -33.13
N PRO E 301 3.91 -8.31 -33.36
CA PRO E 301 3.37 -8.56 -34.72
C PRO E 301 3.48 -7.37 -35.70
N MET E 302 3.74 -6.16 -35.21
CA MET E 302 3.95 -5.00 -36.12
C MET E 302 5.37 -5.05 -36.67
N LEU E 303 6.37 -4.76 -35.82
CA LEU E 303 7.80 -4.84 -36.24
C LEU E 303 8.07 -6.27 -36.67
N GLY E 304 8.42 -6.49 -37.95
CA GLY E 304 8.63 -7.87 -38.42
C GLY E 304 7.76 -8.18 -39.62
N TRP E 305 6.46 -7.90 -39.53
CA TRP E 305 5.58 -8.11 -40.70
C TRP E 305 5.07 -6.74 -41.14
N ARG E 306 5.84 -6.10 -42.03
CA ARG E 306 5.50 -4.74 -42.52
C ARG E 306 5.77 -4.71 -44.02
N THR E 307 4.72 -4.50 -44.83
CA THR E 307 4.85 -4.49 -46.30
C THR E 307 5.81 -3.39 -46.74
N PRO E 308 6.64 -3.61 -47.77
CA PRO E 308 7.64 -2.63 -48.19
C PRO E 308 7.06 -1.52 -49.07
N GLU E 309 6.56 -0.43 -48.46
CA GLU E 309 6.05 0.75 -49.21
C GLU E 309 5.18 0.32 -50.41
N ASP E 310 4.12 -0.46 -50.16
CA ASP E 310 3.18 -0.87 -51.23
C ASP E 310 1.75 -0.65 -50.75
N ARG E 311 1.38 0.60 -50.44
CA ARG E 311 0.03 0.88 -49.88
C ARG E 311 -0.57 2.15 -50.48
N SER E 312 -1.89 2.33 -50.35
CA SER E 312 -2.55 3.59 -50.79
C SER E 312 -2.35 4.65 -49.69
N ASP E 313 -2.38 5.93 -50.06
CA ASP E 313 -2.08 6.98 -49.05
C ASP E 313 -3.30 7.28 -48.19
N PRO E 314 -4.47 7.69 -48.74
CA PRO E 314 -5.61 8.10 -47.91
C PRO E 314 -6.41 6.93 -47.38
N ASP E 315 -7.27 7.17 -46.38
CA ASP E 315 -8.06 6.07 -45.75
C ASP E 315 -7.17 4.82 -45.64
N ALA E 316 -5.95 4.98 -45.13
CA ALA E 316 -5.00 3.85 -45.09
C ALA E 316 -4.93 3.25 -43.68
N CYS E 317 -5.50 3.94 -42.68
CA CYS E 317 -5.34 3.43 -41.29
C CYS E 317 -6.36 2.31 -41.03
N THR E 318 -6.05 1.08 -41.45
CA THR E 318 -6.95 -0.07 -41.24
C THR E 318 -6.16 -1.25 -40.66
N ILE E 319 -6.67 -1.88 -39.60
CA ILE E 319 -6.00 -3.07 -38.99
C ILE E 319 -6.06 -4.22 -40.00
N SER E 320 -5.01 -5.03 -40.06
CA SER E 320 -4.94 -6.11 -41.08
C SER E 320 -6.18 -7.02 -40.98
N LYS E 321 -6.74 -7.40 -42.13
CA LYS E 321 -7.82 -8.42 -42.18
C LYS E 321 -7.20 -9.78 -42.52
N ASP E 322 -5.95 -10.03 -42.09
CA ASP E 322 -5.36 -11.39 -42.14
C ASP E 322 -6.10 -12.30 -41.17
N HIS E 323 -6.11 -13.62 -41.42
CA HIS E 323 -6.93 -14.58 -40.62
C HIS E 323 -6.19 -15.01 -39.35
N GLY E 324 -4.86 -15.07 -39.38
CA GLY E 324 -4.09 -15.40 -38.20
C GLY E 324 -4.02 -14.24 -37.23
N TYR E 325 -3.76 -13.03 -37.74
CA TYR E 325 -3.72 -11.88 -36.87
C TYR E 325 -5.09 -11.57 -36.28
N THR E 326 -6.14 -11.87 -37.04
CA THR E 326 -7.53 -11.68 -36.52
C THR E 326 -7.72 -12.49 -35.24
N ILE E 327 -7.52 -13.82 -35.28
CA ILE E 327 -7.70 -14.71 -34.10
C ILE E 327 -6.74 -14.28 -32.98
N TYR E 328 -5.44 -14.19 -33.28
CA TYR E 328 -4.42 -13.76 -32.29
C TYR E 328 -4.90 -12.51 -31.54
N SER E 329 -5.23 -11.43 -32.23
CA SER E 329 -5.57 -10.21 -31.51
C SER E 329 -6.93 -10.33 -30.82
N THR E 330 -7.96 -10.72 -31.56
CA THR E 330 -9.33 -10.75 -30.97
C THR E 330 -9.36 -11.66 -29.74
N PHE E 331 -8.76 -12.85 -29.81
CA PHE E 331 -8.83 -13.82 -28.67
C PHE E 331 -7.96 -13.34 -27.51
N GLY E 332 -6.76 -12.83 -27.78
CA GLY E 332 -5.83 -12.43 -26.70
C GLY E 332 -6.15 -11.09 -26.09
N ALA E 333 -7.12 -10.35 -26.63
CA ALA E 333 -7.44 -9.00 -26.14
C ALA E 333 -8.86 -8.94 -25.56
N PHE E 334 -9.75 -9.83 -26.00
CA PHE E 334 -11.17 -9.73 -25.53
C PHE E 334 -11.74 -11.10 -25.15
N TYR E 335 -11.67 -12.09 -26.04
CA TYR E 335 -12.36 -13.39 -25.77
C TYR E 335 -11.74 -14.12 -24.56
N ILE E 336 -10.41 -14.20 -24.46
CA ILE E 336 -9.79 -14.82 -23.25
C ILE E 336 -10.12 -13.99 -21.99
N PRO E 337 -9.92 -12.64 -21.95
CA PRO E 337 -10.33 -11.85 -20.79
C PRO E 337 -11.82 -11.96 -20.43
N LEU E 338 -12.73 -11.90 -21.40
CA LEU E 338 -14.20 -11.93 -21.13
C LEU E 338 -14.55 -13.22 -20.37
N LEU E 339 -14.08 -14.36 -20.87
CA LEU E 339 -14.40 -15.68 -20.25
C LEU E 339 -13.94 -15.68 -18.79
N LEU E 340 -12.71 -15.22 -18.53
CA LEU E 340 -12.18 -15.22 -17.14
C LEU E 340 -13.05 -14.33 -16.25
N MET E 341 -13.43 -13.14 -16.72
CA MET E 341 -14.24 -12.20 -15.90
C MET E 341 -15.64 -12.76 -15.63
N LEU E 342 -16.24 -13.46 -16.61
CA LEU E 342 -17.58 -14.07 -16.41
C LEU E 342 -17.48 -15.18 -15.34
N VAL E 343 -16.41 -15.99 -15.37
CA VAL E 343 -16.21 -17.06 -14.35
C VAL E 343 -15.98 -16.42 -12.98
N LEU E 344 -15.12 -15.40 -12.91
CA LEU E 344 -14.79 -14.77 -11.59
C LEU E 344 -16.00 -14.06 -11.01
N TYR E 345 -16.78 -13.30 -11.80
CA TYR E 345 -17.90 -12.56 -11.16
C TYR E 345 -19.05 -13.52 -10.86
N GLY E 346 -19.13 -14.66 -11.57
CA GLY E 346 -20.12 -15.68 -11.20
C GLY E 346 -19.87 -16.26 -9.81
N ARG E 347 -18.61 -16.55 -9.49
CA ARG E 347 -18.25 -17.14 -8.17
C ARG E 347 -18.45 -16.11 -7.06
N ILE E 348 -18.11 -14.84 -7.30
CA ILE E 348 -18.30 -13.76 -6.28
C ILE E 348 -19.78 -13.63 -5.93
N PHE E 349 -20.67 -13.73 -6.92
CA PHE E 349 -22.14 -13.68 -6.67
C PHE E 349 -22.54 -14.80 -5.71
N ARG E 350 -22.20 -16.05 -6.05
CA ARG E 350 -22.60 -17.21 -5.22
C ARG E 350 -22.12 -17.02 -3.79
N ALA E 351 -20.86 -16.60 -3.60
CA ALA E 351 -20.29 -16.39 -2.26
C ALA E 351 -21.07 -15.31 -1.50
N ALA E 352 -21.35 -14.18 -2.16
CA ALA E 352 -22.11 -13.08 -1.52
C ALA E 352 -23.51 -13.56 -1.14
N ARG E 353 -24.21 -14.22 -2.08
CA ARG E 353 -25.59 -14.70 -1.86
C ARG E 353 -25.63 -15.64 -0.66
N PHE E 354 -24.66 -16.56 -0.57
CA PHE E 354 -24.52 -17.48 0.59
C PHE E 354 -24.41 -16.66 1.89
N ARG E 355 -23.39 -15.80 1.98
CA ARG E 355 -23.10 -15.07 3.25
C ARG E 355 -24.33 -14.24 3.64
N ILE E 356 -24.89 -13.48 2.69
CA ILE E 356 -26.11 -12.66 2.95
C ILE E 356 -27.23 -13.58 3.48
N ARG E 357 -27.52 -14.65 2.76
CA ARG E 357 -28.59 -15.60 3.17
C ARG E 357 -28.21 -16.24 4.51
N LYS E 358 -26.92 -16.54 4.73
CA LYS E 358 -26.59 -17.08 6.04
C LYS E 358 -25.97 -16.02 6.93
N GLU E 460 -39.63 -11.16 10.40
CA GLU E 460 -39.90 -10.64 9.02
C GLU E 460 -38.90 -9.53 8.70
N ALA E 461 -38.47 -8.77 9.70
CA ALA E 461 -37.52 -7.64 9.50
C ALA E 461 -36.21 -8.16 8.90
N LYS E 462 -35.76 -9.33 9.36
CA LYS E 462 -34.54 -9.97 8.79
C LYS E 462 -34.79 -10.30 7.32
N ARG E 463 -35.96 -10.85 6.99
CA ARG E 463 -36.28 -11.23 5.59
C ARG E 463 -36.32 -9.97 4.72
N LYS E 464 -36.73 -8.84 5.29
CA LYS E 464 -36.71 -7.54 4.54
C LYS E 464 -35.27 -7.20 4.15
N MET E 465 -34.35 -7.16 5.12
CA MET E 465 -32.95 -6.76 4.84
C MET E 465 -32.17 -7.96 4.25
N ALA E 466 -32.85 -9.05 3.93
CA ALA E 466 -32.31 -10.09 3.02
C ALA E 466 -32.58 -9.67 1.58
N LEU E 467 -33.85 -9.46 1.22
CA LEU E 467 -34.22 -9.02 -0.14
C LEU E 467 -33.38 -7.80 -0.54
N ALA E 468 -33.14 -6.89 0.39
CA ALA E 468 -32.50 -5.58 0.07
C ALA E 468 -30.97 -5.71 0.13
N ARG E 469 -30.45 -6.92 0.20
CA ARG E 469 -28.98 -7.17 0.13
C ARG E 469 -28.70 -8.16 -1.01
N GLU E 470 -29.70 -8.92 -1.44
CA GLU E 470 -29.57 -9.78 -2.64
C GLU E 470 -30.25 -9.08 -3.82
N ARG E 471 -30.42 -7.75 -3.72
CA ARG E 471 -30.90 -6.92 -4.86
C ARG E 471 -30.07 -5.63 -4.93
N LYS E 472 -28.98 -5.56 -4.18
CA LYS E 472 -27.90 -4.59 -4.45
C LYS E 472 -26.64 -5.38 -4.79
N THR E 473 -26.80 -6.68 -5.08
CA THR E 473 -25.69 -7.53 -5.58
C THR E 473 -26.06 -8.11 -6.95
N VAL E 474 -27.29 -7.88 -7.40
CA VAL E 474 -27.68 -8.13 -8.82
C VAL E 474 -27.48 -6.82 -9.59
N LYS E 475 -27.59 -5.67 -8.91
CA LYS E 475 -27.38 -4.36 -9.57
C LYS E 475 -25.88 -4.17 -9.87
N THR E 476 -25.03 -4.13 -8.86
CA THR E 476 -23.60 -3.83 -9.04
C THR E 476 -23.00 -4.71 -10.12
N LEU E 477 -23.26 -6.01 -10.05
CA LEU E 477 -22.65 -6.98 -11.00
C LEU E 477 -23.30 -6.82 -12.38
N GLY E 478 -24.57 -6.41 -12.44
CA GLY E 478 -25.22 -6.09 -13.70
C GLY E 478 -24.65 -4.83 -14.33
N ILE E 479 -24.39 -3.81 -13.52
CA ILE E 479 -23.82 -2.57 -14.04
C ILE E 479 -22.45 -2.85 -14.63
N ILE E 480 -21.60 -3.57 -13.90
CA ILE E 480 -20.24 -3.81 -14.37
C ILE E 480 -20.26 -4.60 -15.68
N MET E 481 -20.97 -5.72 -15.69
CA MET E 481 -20.97 -6.56 -16.88
C MET E 481 -21.67 -5.89 -18.04
N GLY E 482 -22.77 -5.18 -17.79
CA GLY E 482 -23.46 -4.49 -18.86
C GLY E 482 -22.61 -3.40 -19.49
N THR E 483 -21.90 -2.63 -18.66
CA THR E 483 -21.00 -1.63 -19.22
C THR E 483 -19.94 -2.28 -20.08
N PHE E 484 -19.26 -3.31 -19.59
CA PHE E 484 -18.15 -3.91 -20.36
C PHE E 484 -18.65 -4.62 -21.63
N ILE E 485 -19.82 -5.26 -21.58
CA ILE E 485 -20.30 -6.05 -22.76
C ILE E 485 -20.97 -5.10 -23.76
N LEU E 486 -21.83 -4.19 -23.32
CA LEU E 486 -22.57 -3.31 -24.27
C LEU E 486 -21.59 -2.38 -25.01
N CYS E 487 -20.42 -2.10 -24.42
CA CYS E 487 -19.39 -1.28 -25.10
C CYS E 487 -18.60 -2.14 -26.09
N TRP E 488 -17.80 -3.10 -25.59
CA TRP E 488 -16.81 -3.82 -26.46
C TRP E 488 -17.39 -4.96 -27.31
N LEU E 489 -18.32 -5.77 -26.79
CA LEU E 489 -18.79 -6.93 -27.60
C LEU E 489 -19.19 -6.49 -29.01
N PRO E 490 -20.04 -5.47 -29.26
CA PRO E 490 -20.43 -5.14 -30.62
C PRO E 490 -19.25 -5.01 -31.59
N PHE E 491 -18.12 -4.48 -31.13
CA PHE E 491 -16.95 -4.18 -31.94
C PHE E 491 -16.13 -5.44 -32.20
N PHE E 492 -15.93 -6.27 -31.17
CA PHE E 492 -15.09 -7.49 -31.33
C PHE E 492 -15.86 -8.56 -32.10
N ILE E 493 -17.18 -8.59 -32.02
CA ILE E 493 -17.95 -9.50 -32.87
C ILE E 493 -17.78 -9.13 -34.33
N VAL E 494 -17.87 -7.83 -34.64
CA VAL E 494 -17.66 -7.39 -36.01
C VAL E 494 -16.23 -7.67 -36.46
N ALA E 495 -15.25 -7.35 -35.60
CA ALA E 495 -13.86 -7.54 -35.95
C ALA E 495 -13.50 -9.01 -36.14
N LEU E 496 -14.29 -9.92 -35.57
CA LEU E 496 -14.05 -11.34 -35.79
C LEU E 496 -14.79 -11.89 -36.99
N VAL E 497 -15.99 -11.38 -37.31
CA VAL E 497 -16.77 -12.03 -38.41
C VAL E 497 -16.34 -11.52 -39.80
N LEU E 498 -16.23 -10.20 -40.00
CA LEU E 498 -15.95 -9.63 -41.35
C LEU E 498 -14.64 -10.15 -41.98
N PRO E 499 -13.47 -10.23 -41.31
CA PRO E 499 -12.26 -10.73 -41.97
C PRO E 499 -12.47 -12.07 -42.67
N PHE E 500 -13.32 -12.93 -42.11
CA PHE E 500 -13.56 -14.28 -42.70
C PHE E 500 -14.71 -14.24 -43.70
N CYS E 501 -15.52 -13.17 -43.72
CA CYS E 501 -16.67 -13.21 -44.67
C CYS E 501 -16.58 -12.04 -45.64
N GLU E 502 -15.47 -11.96 -46.38
CA GLU E 502 -15.13 -10.74 -47.17
C GLU E 502 -16.26 -10.42 -48.15
N SER E 503 -16.65 -11.40 -48.96
CA SER E 503 -17.78 -11.23 -49.91
C SER E 503 -19.11 -11.24 -49.14
N SER E 504 -20.05 -10.40 -49.56
CA SER E 504 -21.48 -10.43 -49.13
C SER E 504 -21.62 -10.17 -47.62
N CYS E 505 -20.79 -9.27 -47.08
CA CYS E 505 -20.92 -8.79 -45.71
C CYS E 505 -20.51 -7.33 -45.62
N HIS E 506 -21.01 -6.54 -46.58
CA HIS E 506 -20.77 -5.07 -46.61
C HIS E 506 -21.23 -4.45 -45.28
N MET E 507 -20.37 -3.61 -44.70
CA MET E 507 -20.70 -2.97 -43.43
C MET E 507 -20.98 -1.50 -43.66
N PRO E 508 -22.18 -1.01 -43.37
CA PRO E 508 -22.46 0.41 -43.57
C PRO E 508 -21.53 1.28 -42.72
N THR E 509 -21.23 2.46 -43.28
CA THR E 509 -20.43 3.52 -42.63
C THR E 509 -21.06 3.92 -41.29
N LEU E 510 -22.35 4.30 -41.28
CA LEU E 510 -22.99 4.84 -40.06
C LEU E 510 -22.82 3.85 -38.91
N LEU E 511 -23.32 2.62 -39.08
CA LEU E 511 -23.29 1.61 -38.00
C LEU E 511 -21.82 1.27 -37.67
N GLY E 512 -20.98 1.15 -38.69
CA GLY E 512 -19.55 0.79 -38.51
C GLY E 512 -18.77 1.83 -37.74
N ALA E 513 -19.27 3.07 -37.69
CA ALA E 513 -18.62 4.17 -36.93
C ALA E 513 -19.21 4.25 -35.53
N ILE E 514 -20.52 4.09 -35.40
CA ILE E 514 -21.18 4.09 -34.06
C ILE E 514 -20.54 2.99 -33.21
N ILE E 515 -20.20 1.83 -33.81
CA ILE E 515 -19.67 0.74 -33.01
C ILE E 515 -18.26 1.07 -32.53
N ASN E 516 -17.44 1.66 -33.39
CA ASN E 516 -16.09 2.02 -32.96
C ASN E 516 -16.12 3.00 -31.80
N TRP E 517 -16.99 4.00 -31.88
CA TRP E 517 -17.06 4.98 -30.80
C TRP E 517 -17.72 4.43 -29.55
N LEU E 518 -18.65 3.47 -29.69
CA LEU E 518 -19.12 2.76 -28.51
C LEU E 518 -17.98 2.04 -27.82
N GLY E 519 -17.11 1.40 -28.59
CA GLY E 519 -15.94 0.78 -27.99
C GLY E 519 -15.06 1.77 -27.28
N TYR E 520 -14.87 2.95 -27.88
CA TYR E 520 -14.02 3.96 -27.26
C TYR E 520 -14.65 4.53 -25.99
N SER E 521 -15.98 4.55 -25.91
CA SER E 521 -16.66 5.17 -24.77
C SER E 521 -16.42 4.45 -23.45
N ASN E 522 -15.88 3.23 -23.48
CA ASN E 522 -15.54 2.56 -22.23
C ASN E 522 -14.51 3.34 -21.45
N SER E 523 -13.62 4.04 -22.13
CA SER E 523 -12.64 4.88 -21.44
C SER E 523 -13.32 5.98 -20.65
N LEU E 524 -14.42 6.54 -21.18
CA LEU E 524 -15.14 7.56 -20.43
C LEU E 524 -15.96 6.94 -19.30
N LEU E 525 -16.56 5.79 -19.54
CA LEU E 525 -17.44 5.20 -18.54
C LEU E 525 -16.70 4.56 -17.36
N ASN E 526 -15.47 4.10 -17.57
CA ASN E 526 -14.76 3.40 -16.50
C ASN E 526 -14.60 4.22 -15.23
N PRO E 527 -14.16 5.48 -15.26
CA PRO E 527 -14.09 6.25 -14.01
C PRO E 527 -15.43 6.41 -13.33
N VAL E 528 -16.52 6.48 -14.09
CA VAL E 528 -17.82 6.61 -13.47
C VAL E 528 -18.20 5.32 -12.76
N ILE E 529 -17.99 4.16 -13.40
CA ILE E 529 -18.47 2.89 -12.77
C ILE E 529 -17.56 2.55 -11.58
N TYR E 530 -16.24 2.64 -11.73
CA TYR E 530 -15.37 2.13 -10.69
C TYR E 530 -14.97 3.17 -9.66
N ALA E 531 -15.06 4.45 -10.00
CA ALA E 531 -14.57 5.50 -9.12
C ALA E 531 -15.68 6.43 -8.64
N TYR E 532 -16.46 7.00 -9.56
CA TYR E 532 -17.41 8.05 -9.21
C TYR E 532 -18.62 7.53 -8.44
N PHE E 533 -18.59 6.26 -8.02
CA PHE E 533 -19.82 5.65 -7.43
C PHE E 533 -19.59 5.31 -5.95
N ASN E 534 -18.47 4.71 -5.58
CA ASN E 534 -18.27 4.33 -4.19
C ASN E 534 -18.08 5.57 -3.33
N LYS E 535 -18.33 5.40 -2.02
CA LYS E 535 -18.45 6.55 -1.14
C LYS E 535 -17.11 7.21 -0.86
N ASP E 536 -16.04 6.41 -0.85
CA ASP E 536 -14.70 6.88 -0.40
C ASP E 536 -14.22 8.00 -1.33
N PHE E 537 -14.45 7.86 -2.63
CA PHE E 537 -14.08 8.92 -3.61
C PHE E 537 -15.06 10.08 -3.47
N GLN E 538 -16.36 9.79 -3.45
CA GLN E 538 -17.39 10.87 -3.37
C GLN E 538 -17.09 11.77 -2.17
N ASN E 539 -16.43 11.23 -1.14
CA ASN E 539 -16.12 12.04 0.08
C ASN E 539 -14.82 12.82 -0.15
N ALA E 540 -13.79 12.18 -0.71
CA ALA E 540 -12.49 12.84 -0.92
C ALA E 540 -12.66 14.05 -1.83
N PHE E 541 -13.36 13.89 -2.96
CA PHE E 541 -13.57 15.02 -3.90
C PHE E 541 -14.20 16.21 -3.16
N LYS E 542 -15.10 15.95 -2.21
CA LYS E 542 -15.76 17.04 -1.45
C LYS E 542 -14.73 17.81 -0.61
N LYS E 543 -13.86 17.09 0.10
CA LYS E 543 -12.83 17.73 0.95
C LYS E 543 -11.92 18.59 0.09
N ILE E 544 -11.50 18.08 -1.08
CA ILE E 544 -10.58 18.83 -2.00
C ILE E 544 -11.33 20.03 -2.59
N ILE E 545 -12.48 19.78 -3.20
CA ILE E 545 -13.29 20.85 -3.87
C ILE E 545 -14.48 21.21 -2.97
#